data_5JFO
#
_entry.id   5JFO
#
_cell.length_a   90.161
_cell.length_b   104.239
_cell.length_c   190.847
_cell.angle_alpha   90.000
_cell.angle_beta   90.000
_cell.angle_gamma   90.000
#
_symmetry.space_group_name_H-M   'P 21 21 21'
#
loop_
_entity.id
_entity.type
_entity.pdbx_description
1 polymer 'Enoyl-[acyl-carrier-protein] reductase [NADH]'
2 non-polymer NICOTINAMIDE-ADENINE-DINUCLEOTIDE
3 non-polymer N-{1-[(2-chloro-6-fluorophenyl)methyl]-1H-pyrazol-3-yl}-5-[(1S)-1-(3-methyl-1H-pyrazol-1-yl)ethyl]-1,3,4-thiadiazol-2-amine
4 water water
#
_entity_poly.entity_id   1
_entity_poly.type   'polypeptide(L)'
_entity_poly.pdbx_seq_one_letter_code
;MTGLLDGKRILVSGIITDSSIAFHIARVAQEQGAQLVLTGFDRLRLIQRITDRLPAKAPLLELDVQNEEHLASLAGRVTE
AIGAGNKLDGVVHSIGFMPQTGMGINPFFDAPYADVSKGIHISAYSYASMAKALLPIMNPGGSIVGMDFDPSRAMPAYNW
MTVAKSALESVNRFVAREAGKYGVRSNLVAAGPIRTLAMSAIVGGALGEEAGAQIQLLEEGWDQRAPIGWNMKDATPVAK
TVCALLSDWLPATTGDIIYADGGAHTQLL
;
_entity_poly.pdbx_strand_id   A,B,C,D
#
loop_
_chem_comp.id
_chem_comp.type
_chem_comp.name
_chem_comp.formula
6KA non-polymer N-{1-[(2-chloro-6-fluorophenyl)methyl]-1H-pyrazol-3-yl}-5-[(1S)-1-(3-methyl-1H-pyrazol-1-yl)ethyl]-1,3,4-thiadiazol-2-amine 'C18 H17 Cl F N7 S'
NAD non-polymer NICOTINAMIDE-ADENINE-DINUCLEOTIDE 'C21 H27 N7 O14 P2'
#
# COMPACT_ATOMS: atom_id res chain seq x y z
N THR A 2 24.12 -26.56 -12.23
CA THR A 2 24.20 -25.53 -13.25
C THR A 2 24.79 -24.24 -12.66
N GLY A 3 24.12 -23.76 -11.62
CA GLY A 3 24.34 -22.43 -11.11
C GLY A 3 23.22 -21.58 -11.66
N LEU A 4 22.58 -20.83 -10.76
CA LEU A 4 21.43 -20.01 -11.10
C LEU A 4 21.80 -18.93 -12.13
N LEU A 5 23.07 -18.49 -12.11
CA LEU A 5 23.55 -17.39 -12.94
C LEU A 5 24.67 -17.84 -13.86
N ASP A 6 24.65 -19.11 -14.27
CA ASP A 6 25.74 -19.70 -15.07
C ASP A 6 26.10 -18.84 -16.29
N GLY A 7 27.39 -18.48 -16.39
CA GLY A 7 27.84 -17.59 -17.44
C GLY A 7 26.96 -16.37 -17.55
N LYS A 8 26.69 -15.72 -16.42
CA LYS A 8 26.08 -14.39 -16.50
C LYS A 8 27.16 -13.35 -16.13
N ARG A 9 27.18 -12.25 -16.88
CA ARG A 9 28.10 -11.18 -16.54
C ARG A 9 27.45 -10.10 -15.68
N ILE A 10 27.90 -9.97 -14.45
CA ILE A 10 27.23 -9.09 -13.49
C ILE A 10 28.16 -8.10 -12.79
N LEU A 11 27.75 -6.84 -12.77
CA LEU A 11 28.47 -5.82 -12.03
C LEU A 11 27.90 -5.72 -10.62
N VAL A 12 28.77 -5.55 -9.64
CA VAL A 12 28.35 -5.42 -8.25
C VAL A 12 29.05 -4.26 -7.53
N SER A 13 28.28 -3.33 -7.00
CA SER A 13 28.86 -2.17 -6.31
C SER A 13 28.65 -2.30 -4.80
N GLY A 14 29.32 -1.42 -4.09
CA GLY A 14 29.04 -1.25 -2.68
C GLY A 14 29.69 -2.24 -1.73
N ILE A 15 30.84 -2.79 -2.11
CA ILE A 15 31.63 -3.59 -1.17
C ILE A 15 32.60 -2.65 -0.45
N ILE A 16 32.54 -2.63 0.86
CA ILE A 16 33.47 -1.82 1.63
C ILE A 16 34.13 -2.65 2.75
N THR A 17 33.46 -3.73 3.15
CA THR A 17 33.97 -4.67 4.15
C THR A 17 33.43 -6.04 3.86
N ASP A 18 33.97 -7.06 4.54
CA ASP A 18 33.53 -8.43 4.30
C ASP A 18 32.19 -8.68 4.98
N SER A 19 31.64 -7.64 5.61
CA SER A 19 30.33 -7.74 6.25
C SER A 19 29.31 -7.06 5.36
N SER A 20 29.80 -6.25 4.42
CA SER A 20 28.98 -5.56 3.45
C SER A 20 28.03 -6.52 2.71
N ILE A 21 26.79 -6.12 2.51
CA ILE A 21 25.83 -6.96 1.79
C ILE A 21 26.36 -7.28 0.40
N ALA A 22 26.98 -6.29 -0.26
CA ALA A 22 27.49 -6.51 -1.60
C ALA A 22 28.42 -7.73 -1.63
N PHE A 23 29.22 -7.87 -0.58
CA PHE A 23 30.15 -8.99 -0.47
C PHE A 23 29.42 -10.36 -0.56
N HIS A 24 28.38 -10.54 0.23
CA HIS A 24 27.64 -11.80 0.19
C HIS A 24 26.89 -11.97 -1.14
N ILE A 25 26.36 -10.90 -1.70
CA ILE A 25 25.78 -10.94 -3.04
C ILE A 25 26.84 -11.45 -4.04
N ALA A 26 27.99 -10.77 -4.06
CA ALA A 26 29.06 -11.14 -4.98
C ALA A 26 29.49 -12.59 -4.80
N ARG A 27 29.58 -13.01 -3.54
CA ARG A 27 29.97 -14.37 -3.19
C ARG A 27 28.99 -15.40 -3.72
N VAL A 28 27.72 -15.25 -3.34
CA VAL A 28 26.70 -16.20 -3.76
C VAL A 28 26.58 -16.20 -5.27
N ALA A 29 26.73 -15.02 -5.90
CA ALA A 29 26.70 -14.91 -7.36
C ALA A 29 27.79 -15.79 -8.00
N GLN A 30 29.01 -15.65 -7.52
CA GLN A 30 30.10 -16.46 -8.05
C GLN A 30 29.86 -17.96 -7.83
N GLU A 31 29.44 -18.34 -6.62
CA GLU A 31 29.04 -19.72 -6.30
C GLU A 31 28.07 -20.29 -7.31
N GLN A 32 27.30 -19.40 -7.92
CA GLN A 32 26.18 -19.79 -8.76
C GLN A 32 26.50 -19.52 -10.23
N GLY A 33 27.78 -19.30 -10.52
CA GLY A 33 28.28 -19.33 -11.88
C GLY A 33 28.35 -18.00 -12.59
N ALA A 34 28.28 -16.90 -11.84
CA ALA A 34 28.35 -15.60 -12.47
C ALA A 34 29.80 -15.26 -12.67
N GLN A 35 30.06 -14.27 -13.50
CA GLN A 35 31.41 -13.78 -13.72
C GLN A 35 31.35 -12.29 -13.43
N LEU A 36 32.02 -11.84 -12.37
CA LEU A 36 31.70 -10.51 -11.84
C LEU A 36 32.61 -9.39 -12.28
N VAL A 37 32.15 -8.18 -12.07
CA VAL A 37 32.98 -6.98 -12.19
C VAL A 37 32.57 -6.13 -11.02
N LEU A 38 33.54 -5.71 -10.23
CA LEU A 38 33.23 -5.02 -9.02
C LEU A 38 33.54 -3.53 -9.12
N THR A 39 32.72 -2.70 -8.48
CA THR A 39 33.07 -1.28 -8.33
C THR A 39 33.25 -0.95 -6.82
N GLY A 40 34.15 -0.01 -6.52
CA GLY A 40 34.41 0.40 -5.16
C GLY A 40 34.59 1.90 -5.01
N PHE A 41 34.46 2.38 -3.78
CA PHE A 41 34.49 3.81 -3.55
C PHE A 41 35.61 4.22 -2.59
N ASP A 42 36.49 5.13 -3.02
CA ASP A 42 37.55 5.70 -2.17
C ASP A 42 38.69 4.73 -1.67
N ARG A 43 38.38 3.75 -0.83
CA ARG A 43 39.40 2.87 -0.27
C ARG A 43 39.67 1.61 -1.12
N LEU A 44 40.14 1.81 -2.34
CA LEU A 44 40.31 0.74 -3.30
C LEU A 44 41.26 -0.37 -2.84
N ARG A 45 42.39 0.06 -2.27
CA ARG A 45 43.40 -0.86 -1.78
C ARG A 45 42.79 -1.79 -0.76
N LEU A 46 42.01 -1.20 0.15
CA LEU A 46 41.30 -1.99 1.13
C LEU A 46 40.25 -2.91 0.50
N ILE A 47 39.48 -2.38 -0.44
CA ILE A 47 38.47 -3.20 -1.07
C ILE A 47 39.08 -4.39 -1.80
N GLN A 48 40.09 -4.13 -2.64
CA GLN A 48 40.75 -5.20 -3.36
C GLN A 48 41.20 -6.31 -2.39
N ARG A 49 41.74 -5.86 -1.27
CA ARG A 49 42.18 -6.74 -0.21
C ARG A 49 41.00 -7.59 0.27
N ILE A 50 39.81 -7.02 0.29
CA ILE A 50 38.60 -7.73 0.76
C ILE A 50 38.12 -8.73 -0.30
N THR A 51 38.15 -8.30 -1.55
CA THR A 51 37.61 -9.11 -2.64
C THR A 51 38.51 -10.33 -2.93
N ASP A 52 39.74 -10.34 -2.39
CA ASP A 52 40.62 -11.50 -2.55
C ASP A 52 40.04 -12.69 -1.78
N ARG A 53 39.29 -12.38 -0.71
CA ARG A 53 38.63 -13.42 0.08
C ARG A 53 37.43 -14.01 -0.67
N LEU A 54 37.08 -13.41 -1.81
CA LEU A 54 36.00 -13.95 -2.62
C LEU A 54 36.48 -15.22 -3.34
N PRO A 55 35.54 -16.16 -3.64
CA PRO A 55 35.85 -17.44 -4.30
C PRO A 55 36.53 -17.29 -5.65
N ALA A 56 36.41 -16.13 -6.29
CA ALA A 56 37.11 -15.87 -7.54
C ALA A 56 37.63 -14.45 -7.61
N LYS A 57 38.67 -14.29 -8.41
CA LYS A 57 39.25 -13.02 -8.67
C LYS A 57 38.23 -12.25 -9.49
N ALA A 58 38.21 -10.92 -9.37
CA ALA A 58 37.30 -10.10 -10.16
C ALA A 58 37.86 -8.69 -10.24
N PRO A 59 37.74 -8.05 -11.42
CA PRO A 59 38.24 -6.69 -11.67
C PRO A 59 37.63 -5.70 -10.71
N LEU A 60 38.42 -4.78 -10.18
CA LEU A 60 37.89 -3.76 -9.32
C LEU A 60 37.98 -2.41 -10.00
N LEU A 61 36.85 -1.72 -10.10
CA LEU A 61 36.84 -0.42 -10.75
C LEU A 61 36.43 0.66 -9.78
N GLU A 62 36.99 1.85 -9.91
CA GLU A 62 36.65 2.92 -8.99
C GLU A 62 35.39 3.59 -9.46
N LEU A 63 34.44 3.83 -8.54
CA LEU A 63 33.21 4.55 -8.87
C LEU A 63 32.70 5.34 -7.65
N ASP A 64 33.00 6.63 -7.63
CA ASP A 64 32.38 7.56 -6.69
C ASP A 64 31.18 8.10 -7.44
N VAL A 65 30.00 7.65 -7.05
CA VAL A 65 28.74 7.99 -7.71
C VAL A 65 28.51 9.52 -7.84
N GLN A 66 29.12 10.29 -6.96
CA GLN A 66 28.97 11.74 -7.02
C GLN A 66 29.94 12.36 -8.03
N ASN A 67 30.86 11.56 -8.57
CA ASN A 67 31.81 12.00 -9.60
C ASN A 67 31.31 11.70 -11.02
N GLU A 68 30.95 12.77 -11.73
CA GLU A 68 30.42 12.67 -13.07
C GLU A 68 31.38 11.97 -14.03
N GLU A 69 32.68 12.21 -13.85
CA GLU A 69 33.66 11.62 -14.73
C GLU A 69 33.66 10.10 -14.62
N HIS A 70 33.57 9.60 -13.38
CA HIS A 70 33.56 8.15 -13.11
C HIS A 70 32.37 7.55 -13.82
N LEU A 71 31.28 8.30 -13.87
CA LEU A 71 30.04 7.85 -14.48
C LEU A 71 30.17 7.81 -16.00
N ALA A 72 30.64 8.91 -16.61
CA ALA A 72 30.83 8.95 -18.06
C ALA A 72 31.83 7.86 -18.50
N SER A 73 32.95 7.70 -17.79
CA SER A 73 33.97 6.74 -18.16
C SER A 73 33.51 5.34 -17.90
N LEU A 74 32.50 5.17 -17.04
CA LEU A 74 32.18 3.85 -16.48
C LEU A 74 31.90 2.77 -17.52
N ALA A 75 31.04 3.05 -18.49
CA ALA A 75 30.67 2.09 -19.52
C ALA A 75 31.92 1.68 -20.32
N GLY A 76 32.74 2.68 -20.67
CA GLY A 76 34.03 2.39 -21.30
C GLY A 76 34.89 1.45 -20.47
N ARG A 77 35.19 1.87 -19.25
CA ARG A 77 36.01 1.10 -18.32
C ARG A 77 35.49 -0.32 -18.04
N VAL A 78 34.17 -0.45 -18.02
CA VAL A 78 33.53 -1.74 -17.81
C VAL A 78 33.73 -2.66 -19.03
N THR A 79 33.55 -2.10 -20.24
CA THR A 79 33.61 -2.91 -21.44
C THR A 79 35.03 -3.44 -21.61
N GLU A 80 36.01 -2.57 -21.40
CA GLU A 80 37.42 -2.95 -21.36
C GLU A 80 37.67 -4.20 -20.49
N ALA A 81 36.95 -4.27 -19.37
CA ALA A 81 37.16 -5.30 -18.39
C ALA A 81 36.53 -6.67 -18.73
N ILE A 82 35.54 -6.69 -19.60
CA ILE A 82 34.87 -7.97 -19.90
C ILE A 82 35.08 -8.46 -21.35
N GLY A 83 35.68 -7.60 -22.20
CA GLY A 83 35.97 -7.91 -23.59
C GLY A 83 34.94 -7.27 -24.51
N ALA A 84 35.41 -6.59 -25.55
CA ALA A 84 34.48 -5.93 -26.48
C ALA A 84 33.55 -6.97 -27.13
N GLY A 85 32.34 -6.54 -27.47
CA GLY A 85 31.34 -7.45 -28.01
C GLY A 85 30.68 -8.29 -26.92
N ASN A 86 31.01 -7.95 -25.67
CA ASN A 86 30.34 -8.51 -24.52
C ASN A 86 29.60 -7.43 -23.72
N LYS A 87 28.44 -7.80 -23.22
CA LYS A 87 27.65 -6.94 -22.36
C LYS A 87 27.26 -7.58 -21.05
N LEU A 88 26.83 -6.69 -20.15
CA LEU A 88 26.39 -7.06 -18.82
C LEU A 88 24.99 -7.70 -18.86
N ASP A 89 24.79 -8.67 -17.97
CA ASP A 89 23.51 -9.33 -17.83
C ASP A 89 22.80 -8.90 -16.56
N GLY A 90 23.59 -8.40 -15.60
CA GLY A 90 23.06 -7.97 -14.32
C GLY A 90 23.85 -6.81 -13.76
N VAL A 91 23.18 -5.96 -12.98
CA VAL A 91 23.81 -4.84 -12.30
C VAL A 91 23.19 -4.78 -10.92
N VAL A 92 24.04 -4.61 -9.91
CA VAL A 92 23.60 -4.51 -8.51
C VAL A 92 24.01 -3.19 -7.88
N HIS A 93 23.02 -2.45 -7.40
CA HIS A 93 23.27 -1.20 -6.73
C HIS A 93 23.17 -1.43 -5.23
N SER A 94 24.32 -1.47 -4.55
CA SER A 94 24.35 -1.64 -3.10
C SER A 94 25.11 -0.47 -2.45
N ILE A 95 24.55 0.72 -2.61
CA ILE A 95 25.17 1.96 -2.20
C ILE A 95 24.18 2.75 -1.34
N GLY A 96 24.64 3.19 -0.19
CA GLY A 96 23.81 4.02 0.64
C GLY A 96 24.73 4.83 1.52
N PHE A 97 24.27 6.03 1.84
CA PHE A 97 24.98 6.86 2.78
C PHE A 97 24.13 7.96 3.34
N MET A 98 24.29 8.21 4.65
CA MET A 98 23.62 9.32 5.29
C MET A 98 24.45 9.80 6.48
N PRO A 99 24.83 11.08 6.44
CA PRO A 99 25.51 11.86 7.48
C PRO A 99 24.81 11.69 8.82
N GLN A 100 25.56 11.66 9.91
CA GLN A 100 24.99 11.43 11.22
C GLN A 100 24.00 12.51 11.64
N THR A 101 24.02 13.62 10.92
CA THR A 101 23.11 14.72 11.20
C THR A 101 21.73 14.37 10.71
N GLY A 102 21.66 13.48 9.72
CA GLY A 102 20.38 13.10 9.14
C GLY A 102 19.98 11.69 9.55
N MET A 103 20.79 11.04 10.38
CA MET A 103 20.53 9.67 10.81
C MET A 103 21.11 9.40 12.19
N GLY A 104 20.47 8.54 12.96
CA GLY A 104 20.94 8.25 14.30
C GLY A 104 20.34 9.10 15.39
N ILE A 105 21.20 9.78 16.15
CA ILE A 105 20.74 10.49 17.34
C ILE A 105 20.45 12.01 17.15
N ASN A 106 21.00 12.64 16.11
CA ASN A 106 20.67 14.05 15.89
C ASN A 106 19.19 14.12 15.54
N PRO A 107 18.46 15.05 16.18
CA PRO A 107 17.02 15.26 15.95
C PRO A 107 16.67 15.44 14.48
N PHE A 108 15.47 15.04 14.10
CA PHE A 108 15.04 15.09 12.71
C PHE A 108 15.09 16.50 12.10
N PHE A 109 14.66 17.49 12.86
CA PHE A 109 14.60 18.82 12.33
C PHE A 109 15.95 19.51 12.17
N ASP A 110 17.00 18.92 12.74
CA ASP A 110 18.30 19.56 12.82
C ASP A 110 19.28 19.12 11.74
N ALA A 111 18.80 18.37 10.77
CA ALA A 111 19.66 17.95 9.68
C ALA A 111 19.66 19.04 8.61
N PRO A 112 20.85 19.57 8.29
CA PRO A 112 21.04 20.58 7.24
C PRO A 112 20.91 20.00 5.82
N TYR A 113 20.15 20.68 4.96
CA TYR A 113 19.81 20.12 3.64
C TYR A 113 21.05 19.75 2.83
N ALA A 114 22.19 20.38 3.11
CA ALA A 114 23.40 20.05 2.37
C ALA A 114 23.77 18.61 2.67
N ASP A 115 23.59 18.22 3.94
CA ASP A 115 23.85 16.85 4.40
C ASP A 115 22.81 15.86 3.85
N VAL A 116 21.52 16.22 3.96
CA VAL A 116 20.42 15.41 3.43
C VAL A 116 20.59 15.23 1.92
N SER A 117 20.89 16.32 1.20
CA SER A 117 21.06 16.27 -0.25
C SER A 117 22.18 15.31 -0.62
N LYS A 118 23.22 15.22 0.22
CA LYS A 118 24.28 14.27 -0.05
C LYS A 118 23.78 12.83 0.10
N GLY A 119 23.03 12.59 1.18
CA GLY A 119 22.51 11.26 1.44
C GLY A 119 21.57 10.80 0.32
N ILE A 120 20.66 11.66 -0.11
CA ILE A 120 19.74 11.34 -1.21
C ILE A 120 20.50 11.17 -2.54
N HIS A 121 21.45 12.05 -2.81
CA HIS A 121 22.27 11.95 -4.01
C HIS A 121 22.80 10.54 -4.12
N ILE A 122 23.42 10.05 -3.05
CA ILE A 122 24.09 8.77 -3.06
C ILE A 122 23.11 7.60 -2.94
N SER A 123 22.05 7.76 -2.18
CA SER A 123 21.21 6.61 -1.84
C SER A 123 20.02 6.38 -2.78
N ALA A 124 19.58 7.43 -3.47
CA ALA A 124 18.42 7.37 -4.36
C ALA A 124 18.83 7.72 -5.82
N TYR A 125 19.24 8.96 -6.03
CA TYR A 125 19.63 9.42 -7.34
C TYR A 125 20.65 8.51 -8.04
N SER A 126 21.66 8.03 -7.29
CA SER A 126 22.73 7.18 -7.83
C SER A 126 22.20 6.00 -8.61
N TYR A 127 21.04 5.51 -8.17
CA TYR A 127 20.42 4.35 -8.79
C TYR A 127 20.06 4.67 -10.24
N ALA A 128 19.57 5.87 -10.51
CA ALA A 128 19.29 6.29 -11.88
C ALA A 128 20.60 6.51 -12.66
N SER A 129 21.49 7.32 -12.07
CA SER A 129 22.72 7.65 -12.76
C SER A 129 23.60 6.41 -13.08
N MET A 130 23.55 5.36 -12.25
CA MET A 130 24.19 4.06 -12.57
C MET A 130 23.48 3.35 -13.74
N ALA A 131 22.15 3.31 -13.73
CA ALA A 131 21.38 2.71 -14.82
C ALA A 131 21.59 3.53 -16.14
N LYS A 132 21.67 4.87 -16.05
CA LYS A 132 21.94 5.66 -17.27
C LYS A 132 23.26 5.27 -17.92
N ALA A 133 24.31 5.13 -17.10
CA ALA A 133 25.65 4.73 -17.53
C ALA A 133 25.68 3.31 -18.09
N LEU A 134 24.94 2.40 -17.49
CA LEU A 134 25.17 0.98 -17.75
C LEU A 134 24.16 0.34 -18.73
N LEU A 135 22.95 0.89 -18.84
CA LEU A 135 21.96 0.30 -19.75
C LEU A 135 22.46 0.12 -21.22
N PRO A 136 23.21 1.10 -21.78
CA PRO A 136 23.70 0.88 -23.16
C PRO A 136 24.54 -0.40 -23.30
N ILE A 137 25.15 -0.90 -22.22
CA ILE A 137 25.96 -2.10 -22.33
C ILE A 137 25.34 -3.28 -21.55
N MET A 138 24.01 -3.32 -21.48
CA MET A 138 23.32 -4.45 -20.87
C MET A 138 22.55 -5.27 -21.90
N ASN A 139 22.57 -6.57 -21.71
CA ASN A 139 21.83 -7.46 -22.58
C ASN A 139 20.34 -7.54 -22.22
N PRO A 140 19.48 -7.56 -23.24
CA PRO A 140 18.06 -7.87 -23.11
C PRO A 140 17.91 -9.12 -22.27
N GLY A 141 16.97 -9.11 -21.32
CA GLY A 141 16.81 -10.23 -20.41
C GLY A 141 17.48 -9.91 -19.10
N GLY A 142 18.17 -8.76 -19.09
CA GLY A 142 18.98 -8.35 -17.96
C GLY A 142 18.17 -7.88 -16.75
N SER A 143 18.86 -7.66 -15.64
CA SER A 143 18.19 -7.32 -14.41
C SER A 143 18.98 -6.26 -13.66
N ILE A 144 18.32 -5.25 -13.12
CA ILE A 144 19.03 -4.37 -12.19
C ILE A 144 18.42 -4.46 -10.81
N VAL A 145 19.26 -4.70 -9.82
CA VAL A 145 18.73 -4.81 -8.47
C VAL A 145 19.39 -3.78 -7.54
N GLY A 146 18.57 -3.09 -6.77
CA GLY A 146 19.03 -2.14 -5.77
C GLY A 146 18.63 -2.57 -4.38
N MET A 147 19.23 -1.99 -3.35
CA MET A 147 18.94 -2.39 -1.96
C MET A 147 18.06 -1.38 -1.24
N ASP A 148 16.96 -1.88 -0.67
CA ASP A 148 15.93 -1.04 -0.04
C ASP A 148 15.81 -1.42 1.41
N PHE A 149 15.35 -0.45 2.20
CA PHE A 149 14.94 -0.72 3.56
C PHE A 149 13.57 -0.11 3.75
N ASP A 150 12.58 -0.95 4.06
CA ASP A 150 11.17 -0.53 3.95
C ASP A 150 10.89 0.81 4.66
N PRO A 151 10.55 1.87 3.87
CA PRO A 151 10.30 3.23 4.34
C PRO A 151 8.82 3.58 4.38
N SER A 152 7.94 2.59 4.26
CA SER A 152 6.51 2.85 4.19
C SER A 152 5.91 3.37 5.47
N ARG A 153 6.58 3.09 6.58
CA ARG A 153 6.24 3.64 7.89
C ARG A 153 7.48 4.25 8.54
N ALA A 154 7.31 5.29 9.36
CA ALA A 154 8.44 5.98 9.99
C ALA A 154 8.96 5.14 11.13
N MET A 155 10.25 5.15 11.32
CA MET A 155 10.85 4.43 12.41
C MET A 155 11.81 5.36 13.15
N PRO A 156 12.16 5.01 14.38
CA PRO A 156 12.84 6.03 15.18
C PRO A 156 14.20 6.54 14.69
N ALA A 157 15.19 5.71 14.45
CA ALA A 157 16.53 6.28 14.24
C ALA A 157 16.80 6.70 12.77
N TYR A 158 16.30 5.93 11.82
CA TYR A 158 16.70 6.05 10.41
C TYR A 158 16.42 7.42 9.77
N ASN A 159 15.35 8.09 10.22
CA ASN A 159 15.12 9.50 9.84
C ASN A 159 15.24 9.73 8.34
N TRP A 160 16.15 10.61 7.93
CA TRP A 160 16.38 10.96 6.51
C TRP A 160 16.85 9.82 5.61
N MET A 161 17.45 8.78 6.18
CA MET A 161 17.74 7.61 5.34
C MET A 161 16.41 6.95 4.91
N THR A 162 15.44 6.85 5.82
CA THR A 162 14.11 6.37 5.48
C THR A 162 13.51 7.22 4.34
N VAL A 163 13.64 8.54 4.43
CA VAL A 163 13.14 9.44 3.41
C VAL A 163 13.88 9.17 2.09
N ALA A 164 15.20 9.00 2.16
CA ALA A 164 15.99 8.68 0.98
C ALA A 164 15.48 7.40 0.31
N LYS A 165 15.18 6.39 1.13
CA LYS A 165 14.66 5.10 0.65
C LYS A 165 13.27 5.28 0.00
N SER A 166 12.46 6.21 0.50
CA SER A 166 11.17 6.49 -0.14
C SER A 166 11.46 6.97 -1.57
N ALA A 167 12.40 7.90 -1.70
CA ALA A 167 12.80 8.43 -2.99
C ALA A 167 13.34 7.31 -3.90
N LEU A 168 14.18 6.44 -3.37
CA LEU A 168 14.75 5.36 -4.18
C LEU A 168 13.67 4.45 -4.74
N GLU A 169 12.66 4.15 -3.93
CA GLU A 169 11.60 3.29 -4.38
C GLU A 169 10.94 3.95 -5.58
N SER A 170 10.67 5.25 -5.45
CA SER A 170 10.05 6.00 -6.52
C SER A 170 10.94 5.96 -7.76
N VAL A 171 12.24 6.15 -7.57
CA VAL A 171 13.21 6.15 -8.67
C VAL A 171 13.23 4.80 -9.43
N ASN A 172 13.15 3.72 -8.66
CA ASN A 172 13.14 2.38 -9.22
C ASN A 172 12.00 2.25 -10.24
N ARG A 173 10.85 2.82 -9.90
CA ARG A 173 9.70 2.77 -10.79
C ARG A 173 9.98 3.48 -12.13
N PHE A 174 10.67 4.62 -12.08
CA PHE A 174 11.01 5.37 -13.32
C PHE A 174 12.13 4.70 -14.12
N VAL A 175 13.09 4.12 -13.40
CA VAL A 175 14.17 3.39 -14.02
C VAL A 175 13.61 2.20 -14.79
N ALA A 176 12.56 1.60 -14.25
CA ALA A 176 11.97 0.44 -14.90
C ALA A 176 11.39 0.78 -16.30
N ARG A 177 10.89 2.00 -16.45
CA ARG A 177 10.34 2.49 -17.71
C ARG A 177 11.43 2.54 -18.75
N GLU A 178 12.56 3.11 -18.34
CA GLU A 178 13.70 3.27 -19.22
C GLU A 178 14.35 1.92 -19.50
N ALA A 179 14.55 1.11 -18.45
CA ALA A 179 15.16 -0.21 -18.58
C ALA A 179 14.30 -1.13 -19.50
N GLY A 180 13.01 -0.82 -19.61
CA GLY A 180 12.11 -1.67 -20.37
C GLY A 180 12.45 -1.62 -21.84
N LYS A 181 12.93 -0.46 -22.28
CA LYS A 181 13.30 -0.24 -23.67
C LYS A 181 14.41 -1.16 -24.12
N TYR A 182 15.25 -1.57 -23.16
CA TYR A 182 16.39 -2.44 -23.46
C TYR A 182 16.05 -3.89 -23.10
N GLY A 183 14.81 -4.13 -22.68
CA GLY A 183 14.42 -5.47 -22.26
C GLY A 183 15.02 -5.83 -20.90
N VAL A 184 15.27 -4.80 -20.08
CA VAL A 184 15.91 -4.96 -18.78
C VAL A 184 14.93 -4.65 -17.63
N ARG A 185 14.94 -5.50 -16.60
CA ARG A 185 14.13 -5.35 -15.39
C ARG A 185 14.86 -4.45 -14.37
N SER A 186 14.11 -3.76 -13.52
CA SER A 186 14.74 -2.98 -12.46
C SER A 186 13.93 -3.18 -11.16
N ASN A 187 14.60 -3.63 -10.11
CA ASN A 187 13.91 -3.95 -8.87
C ASN A 187 14.72 -3.63 -7.64
N LEU A 188 14.04 -3.50 -6.51
CA LEU A 188 14.75 -3.30 -5.27
C LEU A 188 14.51 -4.53 -4.36
N VAL A 189 15.52 -4.90 -3.59
CA VAL A 189 15.31 -5.86 -2.49
C VAL A 189 15.29 -5.11 -1.16
N ALA A 190 14.15 -5.22 -0.48
CA ALA A 190 13.96 -4.65 0.84
C ALA A 190 14.40 -5.68 1.84
N ALA A 191 15.56 -5.43 2.43
CA ALA A 191 16.10 -6.36 3.35
C ALA A 191 15.69 -5.92 4.75
N GLY A 192 15.60 -6.89 5.65
CA GLY A 192 15.50 -6.59 7.07
C GLY A 192 16.89 -6.19 7.52
N PRO A 193 17.03 -5.75 8.78
CA PRO A 193 18.28 -5.19 9.33
C PRO A 193 19.42 -6.21 9.31
N ILE A 194 20.62 -5.75 8.95
CA ILE A 194 21.79 -6.62 8.90
C ILE A 194 22.92 -6.03 9.72
N ARG A 195 23.56 -6.89 10.52
CA ARG A 195 24.70 -6.53 11.38
C ARG A 195 25.95 -6.29 10.59
N THR A 196 25.92 -5.19 9.87
CA THR A 196 27.10 -4.75 9.21
C THR A 196 27.84 -3.91 10.25
N LEU A 197 29.11 -3.65 9.99
CA LEU A 197 30.02 -3.05 10.98
C LEU A 197 29.40 -1.88 11.68
N ALA A 198 28.80 -0.99 10.87
CA ALA A 198 28.12 0.20 11.33
C ALA A 198 26.98 -0.11 12.30
N MET A 199 26.19 -1.12 11.98
CA MET A 199 25.13 -1.57 12.85
C MET A 199 25.73 -2.15 14.12
N SER A 200 26.76 -2.99 13.99
CA SER A 200 27.42 -3.57 15.16
C SER A 200 27.99 -2.45 16.01
N ALA A 201 28.52 -1.42 15.35
CA ALA A 201 29.11 -0.29 16.06
C ALA A 201 28.09 0.44 16.94
N ILE A 202 26.93 0.75 16.36
CA ILE A 202 25.94 1.52 17.09
C ILE A 202 25.19 0.74 18.19
N VAL A 203 24.93 -0.55 17.97
CA VAL A 203 24.35 -1.42 19.01
C VAL A 203 25.33 -1.61 20.15
N GLY A 204 26.62 -1.57 19.81
CA GLY A 204 27.69 -1.62 20.77
C GLY A 204 27.75 -0.39 21.67
N GLY A 205 27.13 0.71 21.26
CA GLY A 205 27.15 1.91 22.08
C GLY A 205 27.89 3.09 21.50
N ALA A 206 28.31 3.01 20.23
CA ALA A 206 29.08 4.07 19.59
C ALA A 206 28.35 5.40 19.48
N LEU A 207 27.03 5.35 19.53
CA LEU A 207 26.23 6.56 19.43
C LEU A 207 25.45 6.79 20.72
N GLY A 208 25.88 6.17 21.81
CA GLY A 208 25.18 6.46 23.06
C GLY A 208 24.44 5.23 23.50
N GLU A 209 23.97 5.23 24.73
CA GLU A 209 23.25 4.08 25.27
C GLU A 209 21.86 3.99 24.67
N GLU A 210 21.23 5.13 24.44
CA GLU A 210 19.83 5.13 24.01
C GLU A 210 19.65 4.61 22.58
N ALA A 211 20.57 4.98 21.69
CA ALA A 211 20.49 4.57 20.27
C ALA A 211 20.81 3.10 20.02
N GLY A 212 21.64 2.51 20.87
CA GLY A 212 22.05 1.12 20.73
C GLY A 212 20.93 0.21 21.21
N ALA A 213 20.13 0.72 22.14
CA ALA A 213 19.00 -0.04 22.67
C ALA A 213 17.84 0.06 21.69
N GLN A 214 17.76 1.17 20.97
CA GLN A 214 16.76 1.37 19.94
C GLN A 214 16.89 0.30 18.86
N ILE A 215 18.10 0.05 18.38
CA ILE A 215 18.35 -0.96 17.34
C ILE A 215 17.99 -2.37 17.83
N GLN A 216 18.42 -2.72 19.03
CA GLN A 216 18.08 -4.05 19.51
C GLN A 216 16.59 -4.19 19.64
N LEU A 217 15.92 -3.09 19.94
CA LEU A 217 14.49 -3.15 20.08
C LEU A 217 13.85 -3.41 18.71
N LEU A 218 14.44 -2.79 17.69
CA LEU A 218 13.99 -2.94 16.31
C LEU A 218 14.23 -4.35 15.82
N GLU A 219 15.43 -4.87 16.07
CA GLU A 219 15.81 -6.21 15.62
C GLU A 219 14.98 -7.30 16.31
N GLU A 220 14.76 -7.18 17.62
CA GLU A 220 13.97 -8.17 18.34
C GLU A 220 12.58 -8.23 17.71
N GLY A 221 12.00 -7.05 17.45
CA GLY A 221 10.67 -6.97 16.91
C GLY A 221 10.57 -7.63 15.55
N TRP A 222 11.60 -7.47 14.72
CA TRP A 222 11.65 -8.07 13.38
C TRP A 222 11.55 -9.57 13.48
N ASP A 223 12.45 -10.13 14.28
CA ASP A 223 12.53 -11.54 14.40
C ASP A 223 11.26 -12.10 15.00
N GLN A 224 10.59 -11.32 15.86
CA GLN A 224 9.33 -11.76 16.46
C GLN A 224 8.26 -11.80 15.37
N ARG A 225 8.07 -10.66 14.70
CA ARG A 225 7.10 -10.58 13.63
C ARG A 225 7.33 -11.54 12.47
N ALA A 226 8.58 -11.71 12.06
CA ALA A 226 8.86 -12.65 10.97
C ALA A 226 8.38 -14.06 11.32
N PRO A 227 7.37 -14.56 10.58
CA PRO A 227 6.84 -15.91 10.82
C PRO A 227 7.93 -16.97 10.60
N ILE A 228 9.01 -16.60 9.92
CA ILE A 228 10.13 -17.52 9.77
C ILE A 228 11.43 -16.99 10.41
N GLY A 229 11.26 -16.03 11.31
CA GLY A 229 12.35 -15.42 12.05
C GLY A 229 13.27 -14.57 11.22
N TRP A 230 14.11 -13.83 11.91
CA TRP A 230 15.05 -12.95 11.24
C TRP A 230 16.37 -12.95 11.98
N ASN A 231 17.42 -13.29 11.25
CA ASN A 231 18.77 -13.34 11.80
C ASN A 231 19.69 -12.20 11.26
N MET A 232 19.82 -11.14 12.05
CA MET A 232 20.58 -9.93 11.66
C MET A 232 22.00 -10.24 11.21
N LYS A 233 22.48 -11.41 11.62
CA LYS A 233 23.86 -11.77 11.42
C LYS A 233 24.05 -12.56 10.17
N ASP A 234 22.96 -13.04 9.60
CA ASP A 234 23.04 -13.83 8.38
C ASP A 234 22.52 -13.04 7.18
N ALA A 235 23.44 -12.60 6.32
CA ALA A 235 23.07 -11.76 5.17
C ALA A 235 22.83 -12.61 3.93
N THR A 236 22.97 -13.93 4.09
CA THR A 236 22.85 -14.85 2.96
C THR A 236 21.45 -14.92 2.30
N PRO A 237 20.36 -14.97 3.09
CA PRO A 237 19.03 -15.03 2.46
C PRO A 237 18.79 -13.81 1.56
N VAL A 238 19.30 -12.63 1.94
CA VAL A 238 19.14 -11.49 1.05
C VAL A 238 19.99 -11.61 -0.21
N ALA A 239 21.22 -12.10 -0.09
CA ALA A 239 22.10 -12.29 -1.25
C ALA A 239 21.47 -13.33 -2.18
N LYS A 240 20.87 -14.38 -1.62
CA LYS A 240 20.16 -15.30 -2.50
C LYS A 240 18.99 -14.60 -3.24
N THR A 241 18.23 -13.77 -2.53
CA THR A 241 17.12 -13.04 -3.12
C THR A 241 17.60 -12.15 -4.26
N VAL A 242 18.67 -11.40 -4.04
CA VAL A 242 19.23 -10.51 -5.07
C VAL A 242 19.60 -11.39 -6.27
N CYS A 243 20.16 -12.57 -6.00
CA CYS A 243 20.54 -13.47 -7.07
C CYS A 243 19.32 -14.01 -7.83
N ALA A 244 18.22 -14.26 -7.12
CA ALA A 244 16.97 -14.70 -7.77
C ALA A 244 16.49 -13.70 -8.82
N LEU A 245 16.55 -12.41 -8.49
CA LEU A 245 16.19 -11.34 -9.44
C LEU A 245 17.21 -11.15 -10.56
N LEU A 246 18.46 -11.57 -10.31
CA LEU A 246 19.47 -11.45 -11.36
C LEU A 246 19.28 -12.59 -12.35
N SER A 247 18.58 -13.63 -11.90
CA SER A 247 18.34 -14.85 -12.70
C SER A 247 17.20 -14.65 -13.68
N ASP A 248 16.86 -15.69 -14.41
CA ASP A 248 15.81 -15.64 -15.40
C ASP A 248 14.49 -16.14 -14.83
N TRP A 249 14.43 -16.22 -13.51
CA TRP A 249 13.28 -16.81 -12.80
C TRP A 249 12.24 -15.83 -12.28
N LEU A 250 12.53 -14.53 -12.38
CA LEU A 250 11.51 -13.52 -12.15
C LEU A 250 11.38 -12.64 -13.41
N PRO A 251 11.00 -13.25 -14.55
CA PRO A 251 11.09 -12.56 -15.84
C PRO A 251 9.98 -11.52 -16.06
N ALA A 252 8.89 -11.63 -15.29
CA ALA A 252 7.72 -10.78 -15.46
C ALA A 252 7.55 -9.76 -14.31
N THR A 253 8.63 -9.49 -13.58
CA THR A 253 8.63 -8.58 -12.43
C THR A 253 9.59 -7.39 -12.66
N THR A 254 9.07 -6.15 -12.66
CA THR A 254 9.94 -4.99 -12.78
C THR A 254 9.30 -3.73 -12.21
N GLY A 255 10.14 -2.75 -11.86
CA GLY A 255 9.71 -1.56 -11.14
C GLY A 255 9.19 -1.93 -9.76
N ASP A 256 9.52 -3.14 -9.31
CA ASP A 256 8.91 -3.65 -8.11
C ASP A 256 9.91 -3.81 -6.94
N ILE A 257 9.39 -4.21 -5.79
CA ILE A 257 10.19 -4.45 -4.61
C ILE A 257 9.96 -5.87 -4.05
N ILE A 258 11.04 -6.62 -3.87
CA ILE A 258 10.95 -7.93 -3.21
C ILE A 258 11.47 -7.82 -1.75
N TYR A 259 10.61 -8.23 -0.81
CA TYR A 259 10.88 -8.14 0.63
C TYR A 259 11.55 -9.43 1.09
N ALA A 260 12.86 -9.36 1.30
CA ALA A 260 13.62 -10.42 1.95
C ALA A 260 13.73 -10.03 3.44
N ASP A 261 12.61 -10.09 4.18
CA ASP A 261 12.59 -9.65 5.59
C ASP A 261 12.00 -10.69 6.56
N GLY A 262 11.88 -11.91 6.10
CA GLY A 262 11.31 -12.94 6.93
C GLY A 262 9.80 -12.78 7.04
N GLY A 263 9.23 -11.83 6.29
CA GLY A 263 7.79 -11.67 6.27
C GLY A 263 7.36 -10.69 7.36
N ALA A 264 8.35 -10.00 7.94
CA ALA A 264 8.08 -9.06 9.00
C ALA A 264 7.01 -8.03 8.63
N HIS A 265 7.06 -7.59 7.38
CA HIS A 265 6.26 -6.46 6.99
C HIS A 265 4.81 -6.79 6.79
N THR A 266 4.50 -8.06 7.01
CA THR A 266 3.16 -8.54 6.74
C THR A 266 2.45 -8.75 8.05
N GLN A 267 3.19 -8.59 9.15
CA GLN A 267 2.61 -8.83 10.48
C GLN A 267 2.61 -7.55 11.33
N LEU A 268 1.54 -7.34 12.10
CA LEU A 268 1.42 -6.15 12.94
C LEU A 268 2.16 -6.38 14.22
N LEU A 269 1.85 -7.52 14.83
CA LEU A 269 2.65 -8.10 15.89
C LEU A 269 2.41 -9.61 16.00
N THR B 2 -21.06 30.52 13.33
CA THR B 2 -20.22 29.33 13.26
C THR B 2 -19.11 29.45 12.17
N GLY B 3 -19.09 28.47 11.27
CA GLY B 3 -17.92 28.36 10.42
C GLY B 3 -17.05 27.24 10.96
N LEU B 4 -16.61 26.36 10.07
CA LEU B 4 -15.83 25.18 10.42
C LEU B 4 -14.52 25.52 11.12
N LEU B 5 -13.97 26.70 10.81
CA LEU B 5 -12.67 27.05 11.31
C LEU B 5 -12.79 28.31 12.17
N ASP B 6 -13.97 28.49 12.77
CA ASP B 6 -14.28 29.71 13.51
C ASP B 6 -13.21 30.09 14.55
N GLY B 7 -12.71 31.31 14.39
CA GLY B 7 -11.66 31.87 15.21
C GLY B 7 -10.46 30.94 15.40
N LYS B 8 -9.99 30.37 14.29
CA LYS B 8 -8.71 29.70 14.29
C LYS B 8 -7.70 30.57 13.51
N ARG B 9 -6.47 30.69 14.03
CA ARG B 9 -5.44 31.43 13.33
C ARG B 9 -4.58 30.47 12.54
N ILE B 10 -4.63 30.62 11.21
CA ILE B 10 -4.02 29.67 10.30
C ILE B 10 -3.09 30.35 9.31
N LEU B 11 -1.89 29.81 9.16
CA LEU B 11 -0.98 30.32 8.17
C LEU B 11 -1.16 29.58 6.85
N VAL B 12 -1.11 30.30 5.74
CA VAL B 12 -1.26 29.67 4.44
C VAL B 12 -0.19 30.15 3.47
N SER B 13 0.58 29.20 2.93
CA SER B 13 1.65 29.50 1.99
C SER B 13 1.31 29.08 0.58
N GLY B 14 2.16 29.50 -0.35
CA GLY B 14 2.12 29.00 -1.71
C GLY B 14 1.08 29.62 -2.60
N ILE B 15 0.71 30.87 -2.33
CA ILE B 15 -0.15 31.61 -3.24
C ILE B 15 0.70 32.38 -4.25
N ILE B 16 0.48 32.13 -5.54
CA ILE B 16 1.20 32.84 -6.59
C ILE B 16 0.28 33.41 -7.66
N THR B 17 -0.91 32.83 -7.79
CA THR B 17 -1.92 33.29 -8.74
C THR B 17 -3.25 32.97 -8.09
N ASP B 18 -4.33 33.47 -8.67
CA ASP B 18 -5.67 33.22 -8.14
C ASP B 18 -6.17 31.81 -8.50
N SER B 19 -5.30 31.04 -9.17
CA SER B 19 -5.57 29.65 -9.57
C SER B 19 -4.88 28.70 -8.62
N SER B 20 -3.93 29.25 -7.86
CA SER B 20 -3.19 28.50 -6.84
C SER B 20 -4.17 27.85 -5.92
N ILE B 21 -3.91 26.59 -5.58
CA ILE B 21 -4.77 25.83 -4.67
C ILE B 21 -4.82 26.58 -3.32
N ALA B 22 -3.66 27.10 -2.94
CA ALA B 22 -3.50 27.84 -1.70
C ALA B 22 -4.49 28.99 -1.67
N PHE B 23 -4.68 29.62 -2.82
CA PHE B 23 -5.62 30.73 -2.92
C PHE B 23 -7.04 30.30 -2.48
N HIS B 24 -7.53 29.20 -3.04
CA HIS B 24 -8.86 28.69 -2.66
C HIS B 24 -8.90 28.22 -1.22
N ILE B 25 -7.80 27.62 -0.76
CA ILE B 25 -7.67 27.24 0.62
C ILE B 25 -7.91 28.50 1.48
N ALA B 26 -7.15 29.57 1.22
CA ALA B 26 -7.27 30.81 1.99
C ALA B 26 -8.68 31.38 1.90
N ARG B 27 -9.27 31.30 0.71
CA ARG B 27 -10.63 31.80 0.52
C ARG B 27 -11.66 31.01 1.35
N VAL B 28 -11.70 29.69 1.17
CA VAL B 28 -12.65 28.83 1.90
C VAL B 28 -12.40 28.93 3.40
N ALA B 29 -11.11 29.04 3.76
CA ALA B 29 -10.73 29.23 5.15
C ALA B 29 -11.37 30.49 5.69
N GLN B 30 -11.20 31.61 4.99
CA GLN B 30 -11.80 32.86 5.45
C GLN B 30 -13.31 32.79 5.51
N GLU B 31 -13.91 32.26 4.44
CA GLU B 31 -15.35 32.01 4.39
C GLU B 31 -15.79 31.26 5.64
N GLN B 32 -14.87 30.52 6.23
CA GLN B 32 -15.24 29.60 7.29
C GLN B 32 -14.76 30.09 8.65
N GLY B 33 -14.39 31.37 8.69
CA GLY B 33 -14.23 32.08 9.94
C GLY B 33 -12.83 32.09 10.48
N ALA B 34 -11.85 31.74 9.65
CA ALA B 34 -10.47 31.71 10.08
C ALA B 34 -9.88 33.10 9.95
N GLN B 35 -8.75 33.31 10.62
CA GLN B 35 -8.02 34.57 10.51
C GLN B 35 -6.61 34.23 10.08
N LEU B 36 -6.25 34.64 8.87
CA LEU B 36 -5.09 34.07 8.23
C LEU B 36 -3.81 34.89 8.37
N VAL B 37 -2.71 34.24 8.04
CA VAL B 37 -1.45 34.92 7.86
C VAL B 37 -0.88 34.27 6.61
N LEU B 38 -0.50 35.06 5.62
CA LEU B 38 -0.08 34.49 4.35
C LEU B 38 1.43 34.63 4.17
N THR B 39 2.04 33.63 3.55
CA THR B 39 3.43 33.80 3.15
C THR B 39 3.48 33.75 1.65
N GLY B 40 4.44 34.48 1.09
CA GLY B 40 4.61 34.53 -0.35
C GLY B 40 6.09 34.47 -0.70
N PHE B 41 6.35 34.13 -1.95
CA PHE B 41 7.73 33.92 -2.39
C PHE B 41 8.12 34.84 -3.52
N ASP B 42 9.19 35.61 -3.33
CA ASP B 42 9.76 36.47 -4.40
C ASP B 42 8.92 37.68 -4.96
N ARG B 43 7.79 37.43 -5.63
CA ARG B 43 7.02 38.50 -6.24
C ARG B 43 6.03 38.99 -5.19
N LEU B 44 6.54 39.55 -4.10
CA LEU B 44 5.69 39.90 -2.97
C LEU B 44 4.59 40.91 -3.31
N ARG B 45 5.00 41.96 -4.00
CA ARG B 45 4.11 43.03 -4.42
C ARG B 45 2.96 42.48 -5.26
N LEU B 46 3.26 41.57 -6.19
CA LEU B 46 2.23 40.91 -7.00
C LEU B 46 1.28 40.06 -6.18
N ILE B 47 1.84 39.28 -5.25
CA ILE B 47 1.03 38.44 -4.41
C ILE B 47 0.08 39.30 -3.60
N GLN B 48 0.62 40.34 -2.94
CA GLN B 48 -0.22 41.22 -2.18
C GLN B 48 -1.37 41.74 -3.02
N ARG B 49 -1.05 42.09 -4.27
CA ARG B 49 -2.06 42.56 -5.22
C ARG B 49 -3.16 41.50 -5.38
N ILE B 50 -2.73 40.25 -5.38
CA ILE B 50 -3.63 39.11 -5.55
C ILE B 50 -4.41 38.78 -4.27
N THR B 51 -3.74 38.83 -3.13
CA THR B 51 -4.39 38.44 -1.89
C THR B 51 -5.42 39.48 -1.48
N ASP B 52 -5.37 40.66 -2.11
CA ASP B 52 -6.36 41.72 -1.86
C ASP B 52 -7.71 41.28 -2.37
N ARG B 53 -7.68 40.43 -3.39
CA ARG B 53 -8.87 39.86 -4.00
C ARG B 53 -9.52 38.80 -3.06
N LEU B 54 -8.84 38.46 -1.97
CA LEU B 54 -9.43 37.54 -0.99
C LEU B 54 -10.50 38.29 -0.17
N PRO B 55 -11.51 37.56 0.34
CA PRO B 55 -12.63 38.08 1.14
C PRO B 55 -12.21 38.82 2.44
N ALA B 56 -11.00 38.62 2.94
CA ALA B 56 -10.54 39.39 4.12
C ALA B 56 -9.07 39.82 4.04
N LYS B 57 -8.75 40.90 4.77
CA LYS B 57 -7.36 41.35 4.85
C LYS B 57 -6.56 40.28 5.59
N ALA B 58 -5.29 40.18 5.23
CA ALA B 58 -4.43 39.26 5.94
C ALA B 58 -2.98 39.68 5.80
N PRO B 59 -2.23 39.56 6.88
CA PRO B 59 -0.80 39.91 6.87
C PRO B 59 -0.06 39.06 5.83
N LEU B 60 0.82 39.65 5.05
CA LEU B 60 1.62 38.86 4.10
C LEU B 60 3.08 38.89 4.52
N LEU B 61 3.68 37.71 4.68
CA LEU B 61 5.09 37.61 5.09
C LEU B 61 5.88 36.92 3.99
N GLU B 62 7.14 37.33 3.83
CA GLU B 62 7.98 36.75 2.81
C GLU B 62 8.56 35.46 3.32
N LEU B 63 8.55 34.44 2.50
CA LEU B 63 9.17 33.17 2.88
C LEU B 63 9.71 32.43 1.67
N ASP B 64 11.02 32.57 1.41
CA ASP B 64 11.71 31.74 0.44
C ASP B 64 12.21 30.63 1.31
N VAL B 65 11.56 29.50 1.17
CA VAL B 65 11.81 28.32 1.97
C VAL B 65 13.29 27.89 1.97
N GLN B 66 13.99 28.25 0.90
CA GLN B 66 15.40 27.95 0.73
C GLN B 66 16.31 28.98 1.45
N ASN B 67 15.71 30.04 1.97
CA ASN B 67 16.47 31.04 2.70
C ASN B 67 16.45 30.81 4.21
N GLU B 68 17.61 30.44 4.78
CA GLU B 68 17.72 30.15 6.22
C GLU B 68 17.25 31.34 7.09
N GLU B 69 17.56 32.56 6.64
CA GLU B 69 17.20 33.74 7.39
C GLU B 69 15.68 33.83 7.54
N HIS B 70 14.97 33.56 6.44
CA HIS B 70 13.50 33.60 6.38
C HIS B 70 12.89 32.61 7.37
N LEU B 71 13.53 31.46 7.52
CA LEU B 71 13.00 30.42 8.40
C LEU B 71 13.18 30.78 9.85
N ALA B 72 14.39 31.18 10.23
CA ALA B 72 14.69 31.56 11.61
C ALA B 72 13.79 32.74 12.09
N SER B 73 13.64 33.78 11.22
CA SER B 73 12.86 34.98 11.56
C SER B 73 11.34 34.69 11.59
N LEU B 74 10.94 33.61 10.94
CA LEU B 74 9.55 33.33 10.61
C LEU B 74 8.61 33.30 11.83
N ALA B 75 8.99 32.56 12.88
CA ALA B 75 8.16 32.46 14.08
C ALA B 75 7.94 33.84 14.74
N GLY B 76 9.03 34.60 14.86
CA GLY B 76 8.97 35.97 15.35
C GLY B 76 8.01 36.75 14.51
N ARG B 77 8.27 36.81 13.21
CA ARG B 77 7.43 37.56 12.27
C ARG B 77 5.94 37.19 12.28
N VAL B 78 5.62 35.91 12.54
CA VAL B 78 4.22 35.49 12.60
C VAL B 78 3.53 36.02 13.88
N THR B 79 4.21 35.92 15.03
CA THR B 79 3.59 36.29 16.31
C THR B 79 3.35 37.82 16.31
N GLU B 80 4.39 38.53 15.84
CA GLU B 80 4.34 39.98 15.60
C GLU B 80 3.08 40.34 14.83
N ALA B 81 2.75 39.50 13.85
CA ALA B 81 1.64 39.76 12.96
C ALA B 81 0.30 39.41 13.59
N ILE B 82 0.31 38.51 14.57
CA ILE B 82 -0.97 38.05 15.19
C ILE B 82 -1.10 38.46 16.63
N GLY B 83 -0.01 38.97 17.21
CA GLY B 83 -0.02 39.42 18.59
C GLY B 83 0.59 38.42 19.53
N ALA B 84 1.51 38.88 20.39
CA ALA B 84 2.16 37.99 21.34
C ALA B 84 1.10 37.38 22.26
N GLY B 85 1.36 36.16 22.72
CA GLY B 85 0.40 35.43 23.53
C GLY B 85 -0.71 34.84 22.68
N ASN B 86 -0.53 34.91 21.36
CA ASN B 86 -1.40 34.21 20.42
C ASN B 86 -0.59 33.17 19.66
N LYS B 87 -1.19 32.02 19.42
CA LYS B 87 -0.43 31.04 18.68
C LYS B 87 -1.21 30.51 17.46
N LEU B 88 -0.50 29.88 16.54
CA LEU B 88 -1.18 29.33 15.37
C LEU B 88 -1.95 28.03 15.71
N ASP B 89 -3.07 27.84 15.04
CA ASP B 89 -3.87 26.63 15.19
C ASP B 89 -3.73 25.75 13.95
N GLY B 90 -3.33 26.33 12.83
CA GLY B 90 -3.23 25.58 11.60
C GLY B 90 -2.09 26.11 10.76
N VAL B 91 -1.48 25.25 9.96
CA VAL B 91 -0.42 25.68 9.08
C VAL B 91 -0.65 24.99 7.75
N VAL B 92 -0.55 25.70 6.64
CA VAL B 92 -0.74 25.03 5.36
C VAL B 92 0.48 25.18 4.49
N HIS B 93 1.02 24.03 4.10
CA HIS B 93 2.17 23.99 3.20
C HIS B 93 1.68 23.67 1.80
N SER B 94 1.64 24.67 0.92
CA SER B 94 1.23 24.39 -0.45
C SER B 94 2.35 24.88 -1.37
N ILE B 95 3.52 24.26 -1.22
CA ILE B 95 4.71 24.71 -1.91
C ILE B 95 5.35 23.56 -2.63
N GLY B 96 5.64 23.78 -3.90
CA GLY B 96 6.33 22.80 -4.71
C GLY B 96 7.05 23.46 -5.86
N PHE B 97 8.16 22.86 -6.26
CA PHE B 97 8.87 23.32 -7.42
C PHE B 97 9.79 22.23 -7.98
N MET B 98 9.83 22.16 -9.30
CA MET B 98 10.73 21.27 -9.99
C MET B 98 11.12 21.83 -11.36
N PRO B 99 12.44 22.05 -11.54
CA PRO B 99 13.01 22.46 -12.82
C PRO B 99 12.55 21.57 -13.99
N GLN B 100 12.36 22.17 -15.17
CA GLN B 100 11.87 21.45 -16.35
C GLN B 100 12.84 20.36 -16.78
N THR B 101 14.05 20.41 -16.24
CA THR B 101 15.04 19.40 -16.56
C THR B 101 14.65 18.13 -15.84
N GLY B 102 13.91 18.28 -14.73
CA GLY B 102 13.49 17.14 -13.95
C GLY B 102 12.01 16.86 -14.11
N MET B 103 11.32 17.64 -14.95
CA MET B 103 9.88 17.45 -15.12
C MET B 103 9.45 17.87 -16.51
N GLY B 104 8.43 17.20 -17.04
CA GLY B 104 7.94 17.48 -18.39
C GLY B 104 8.53 16.62 -19.51
N ILE B 105 9.12 17.26 -20.51
CA ILE B 105 9.55 16.53 -21.70
C ILE B 105 11.01 16.12 -21.67
N ASN B 106 11.84 16.75 -20.85
CA ASN B 106 13.23 16.32 -20.77
C ASN B 106 13.28 14.89 -20.20
N PRO B 107 14.07 14.00 -20.82
CA PRO B 107 14.22 12.60 -20.37
C PRO B 107 14.60 12.45 -18.90
N PHE B 108 14.17 11.36 -18.28
CA PHE B 108 14.37 11.12 -16.85
C PHE B 108 15.85 11.12 -16.45
N PHE B 109 16.68 10.50 -17.28
CA PHE B 109 18.11 10.35 -16.97
C PHE B 109 18.94 11.61 -17.12
N ASP B 110 18.35 12.65 -17.71
CA ASP B 110 19.06 13.87 -18.10
C ASP B 110 18.89 15.01 -17.09
N ALA B 111 18.29 14.71 -15.95
CA ALA B 111 18.13 15.69 -14.90
C ALA B 111 19.40 15.70 -14.04
N PRO B 112 20.07 16.85 -13.96
CA PRO B 112 21.26 17.08 -13.13
C PRO B 112 20.89 17.19 -11.67
N TYR B 113 21.64 16.50 -10.81
CA TYR B 113 21.25 16.39 -9.42
C TYR B 113 21.06 17.75 -8.77
N ALA B 114 21.74 18.76 -9.30
CA ALA B 114 21.64 20.10 -8.75
C ALA B 114 20.22 20.58 -8.94
N ASP B 115 19.65 20.23 -10.09
CA ASP B 115 18.27 20.59 -10.38
C ASP B 115 17.30 19.77 -9.54
N VAL B 116 17.49 18.45 -9.50
CA VAL B 116 16.67 17.58 -8.66
C VAL B 116 16.77 18.02 -7.20
N SER B 117 18.00 18.25 -6.71
CA SER B 117 18.21 18.65 -5.30
C SER B 117 17.49 19.95 -4.97
N LYS B 118 17.37 20.83 -5.95
CA LYS B 118 16.64 22.06 -5.72
C LYS B 118 15.15 21.76 -5.54
N GLY B 119 14.61 20.89 -6.41
CA GLY B 119 13.20 20.49 -6.37
C GLY B 119 12.84 19.82 -5.07
N ILE B 120 13.68 18.89 -4.62
CA ILE B 120 13.44 18.22 -3.37
C ILE B 120 13.51 19.19 -2.18
N HIS B 121 14.54 20.05 -2.19
CA HIS B 121 14.73 21.09 -1.16
C HIS B 121 13.39 21.81 -0.99
N ILE B 122 12.79 22.28 -2.09
CA ILE B 122 11.57 23.10 -1.99
C ILE B 122 10.30 22.27 -1.73
N SER B 123 10.21 21.09 -2.33
CA SER B 123 8.96 20.36 -2.34
C SER B 123 8.81 19.33 -1.19
N ALA B 124 9.91 18.86 -0.63
CA ALA B 124 9.84 17.85 0.42
C ALA B 124 10.44 18.39 1.73
N TYR B 125 11.74 18.66 1.73
CA TYR B 125 12.45 19.18 2.90
C TYR B 125 11.74 20.37 3.53
N SER B 126 11.25 21.28 2.68
CA SER B 126 10.57 22.50 3.12
C SER B 126 9.47 22.19 4.11
N TYR B 127 8.82 21.04 3.94
CA TYR B 127 7.75 20.67 4.82
C TYR B 127 8.24 20.50 6.26
N ALA B 128 9.42 19.90 6.37
CA ALA B 128 10.05 19.74 7.66
C ALA B 128 10.54 21.07 8.21
N SER B 129 11.32 21.82 7.44
CA SER B 129 11.88 23.08 7.95
C SER B 129 10.76 24.10 8.32
N MET B 130 9.61 24.05 7.64
CA MET B 130 8.44 24.84 8.04
C MET B 130 7.87 24.41 9.39
N ALA B 131 7.73 23.10 9.60
CA ALA B 131 7.21 22.58 10.87
C ALA B 131 8.16 22.90 12.02
N LYS B 132 9.45 22.81 11.74
CA LYS B 132 10.45 23.15 12.72
C LYS B 132 10.31 24.61 13.13
N ALA B 133 10.12 25.49 12.17
CA ALA B 133 9.95 26.91 12.43
C ALA B 133 8.69 27.21 13.25
N LEU B 134 7.60 26.52 12.94
CA LEU B 134 6.27 26.90 13.40
C LEU B 134 5.72 26.11 14.57
N LEU B 135 6.18 24.88 14.76
CA LEU B 135 5.62 24.13 15.87
C LEU B 135 5.69 24.83 17.25
N PRO B 136 6.82 25.49 17.59
CA PRO B 136 6.89 26.18 18.89
C PRO B 136 5.77 27.21 19.13
N ILE B 137 5.19 27.71 18.06
CA ILE B 137 4.14 28.70 18.20
C ILE B 137 2.79 28.15 17.71
N MET B 138 2.58 26.84 17.86
CA MET B 138 1.28 26.23 17.53
C MET B 138 0.57 25.71 18.76
N ASN B 139 -0.75 25.89 18.78
CA ASN B 139 -1.60 25.41 19.87
C ASN B 139 -1.89 23.93 19.73
N PRO B 140 -1.88 23.22 20.85
CA PRO B 140 -2.36 21.85 20.94
C PRO B 140 -3.72 21.76 20.27
N GLY B 141 -3.95 20.72 19.45
CA GLY B 141 -5.16 20.55 18.68
C GLY B 141 -4.97 20.97 17.22
N GLY B 142 -3.79 21.54 16.94
CA GLY B 142 -3.47 22.10 15.65
C GLY B 142 -3.23 21.16 14.49
N SER B 143 -3.09 21.69 13.28
CA SER B 143 -2.98 20.85 12.08
C SER B 143 -1.94 21.43 11.17
N ILE B 144 -1.08 20.59 10.62
CA ILE B 144 -0.21 21.03 9.54
C ILE B 144 -0.63 20.16 8.38
N VAL B 145 -0.91 20.81 7.24
CA VAL B 145 -1.33 20.11 6.03
C VAL B 145 -0.38 20.42 4.91
N GLY B 146 0.04 19.40 4.19
CA GLY B 146 0.86 19.63 3.01
C GLY B 146 0.11 19.13 1.80
N MET B 147 0.55 19.52 0.59
CA MET B 147 -0.15 19.13 -0.64
C MET B 147 0.62 18.03 -1.36
N ASP B 148 -0.06 16.92 -1.66
CA ASP B 148 0.60 15.77 -2.24
C ASP B 148 -0.01 15.44 -3.61
N PHE B 149 0.77 14.78 -4.44
CA PHE B 149 0.23 14.20 -5.67
C PHE B 149 0.69 12.75 -5.72
N ASP B 150 -0.26 11.82 -5.72
CA ASP B 150 0.05 10.42 -5.47
C ASP B 150 1.16 9.89 -6.32
N PRO B 151 2.29 9.55 -5.67
CA PRO B 151 3.52 9.07 -6.28
C PRO B 151 3.69 7.56 -6.11
N SER B 152 2.66 6.82 -5.71
CA SER B 152 2.84 5.38 -5.44
C SER B 152 3.09 4.57 -6.72
N ARG B 153 2.70 5.14 -7.87
CA ARG B 153 3.00 4.54 -9.18
C ARG B 153 3.64 5.59 -10.08
N ALA B 154 4.50 5.15 -11.00
CA ALA B 154 5.21 6.07 -11.89
C ALA B 154 4.26 6.54 -12.96
N MET B 155 4.40 7.79 -13.35
CA MET B 155 3.60 8.37 -14.41
C MET B 155 4.53 9.11 -15.38
N PRO B 156 4.09 9.40 -16.61
CA PRO B 156 5.01 9.86 -17.66
C PRO B 156 5.75 11.19 -17.49
N ALA B 157 5.03 12.30 -17.28
CA ALA B 157 5.68 13.62 -17.36
C ALA B 157 6.32 14.04 -16.03
N TYR B 158 5.64 13.70 -14.93
CA TYR B 158 5.97 14.20 -13.58
C TYR B 158 7.37 13.84 -13.10
N ASN B 159 7.87 12.65 -13.49
CA ASN B 159 9.28 12.33 -13.29
C ASN B 159 9.78 12.63 -11.89
N TRP B 160 10.78 13.49 -11.82
CA TRP B 160 11.38 13.87 -10.55
C TRP B 160 10.43 14.57 -9.59
N MET B 161 9.33 15.16 -10.07
CA MET B 161 8.34 15.68 -9.13
C MET B 161 7.66 14.49 -8.40
N THR B 162 7.36 13.42 -9.14
CA THR B 162 6.82 12.19 -8.54
C THR B 162 7.76 11.68 -7.42
N VAL B 163 9.06 11.65 -7.71
CA VAL B 163 10.05 11.24 -6.73
C VAL B 163 10.03 12.19 -5.53
N ALA B 164 9.97 13.50 -5.81
CA ALA B 164 9.88 14.51 -4.76
C ALA B 164 8.68 14.27 -3.84
N LYS B 165 7.51 13.94 -4.43
CA LYS B 165 6.31 13.68 -3.64
C LYS B 165 6.44 12.41 -2.76
N SER B 166 7.16 11.40 -3.24
CA SER B 166 7.40 10.23 -2.41
C SER B 166 8.18 10.66 -1.17
N ALA B 167 9.22 11.45 -1.40
CA ALA B 167 10.01 11.97 -0.30
C ALA B 167 9.14 12.82 0.65
N LEU B 168 8.30 13.69 0.12
CA LEU B 168 7.47 14.53 0.98
C LEU B 168 6.58 13.66 1.85
N GLU B 169 6.06 12.59 1.28
CA GLU B 169 5.19 11.71 2.03
C GLU B 169 5.90 11.12 3.25
N SER B 170 7.11 10.64 3.00
CA SER B 170 7.97 10.07 4.01
C SER B 170 8.23 11.16 5.07
N VAL B 171 8.54 12.37 4.62
CA VAL B 171 8.82 13.46 5.53
C VAL B 171 7.63 13.72 6.43
N ASN B 172 6.42 13.70 5.88
CA ASN B 172 5.20 13.95 6.65
C ASN B 172 5.09 12.99 7.83
N ARG B 173 5.43 11.73 7.59
CA ARG B 173 5.39 10.75 8.64
C ARG B 173 6.36 11.11 9.78
N PHE B 174 7.55 11.62 9.49
CA PHE B 174 8.50 11.98 10.57
C PHE B 174 8.09 13.24 11.30
N VAL B 175 7.55 14.19 10.54
CA VAL B 175 7.04 15.45 11.05
C VAL B 175 5.89 15.15 12.01
N ALA B 176 5.07 14.12 11.74
CA ALA B 176 3.95 13.81 12.64
C ALA B 176 4.46 13.39 14.01
N ARG B 177 5.62 12.71 14.01
CA ARG B 177 6.24 12.29 15.25
C ARG B 177 6.60 13.50 16.06
N GLU B 178 7.23 14.48 15.42
CA GLU B 178 7.61 15.68 16.16
C GLU B 178 6.38 16.48 16.52
N ALA B 179 5.48 16.66 15.57
CA ALA B 179 4.27 17.45 15.81
C ALA B 179 3.41 16.86 16.94
N GLY B 180 3.57 15.57 17.19
CA GLY B 180 2.74 14.90 18.16
C GLY B 180 3.04 15.37 19.56
N LYS B 181 4.29 15.75 19.77
CA LYS B 181 4.77 16.24 21.04
C LYS B 181 4.01 17.50 21.42
N TYR B 182 3.53 18.24 20.42
CA TYR B 182 2.83 19.48 20.70
C TYR B 182 1.32 19.27 20.63
N GLY B 183 0.90 18.02 20.43
CA GLY B 183 -0.51 17.69 20.28
C GLY B 183 -1.02 18.14 18.93
N VAL B 184 -0.11 18.22 17.96
CA VAL B 184 -0.41 18.71 16.62
C VAL B 184 -0.34 17.59 15.59
N ARG B 185 -1.33 17.59 14.71
CA ARG B 185 -1.42 16.65 13.62
C ARG B 185 -0.65 17.17 12.42
N SER B 186 -0.16 16.25 11.58
CA SER B 186 0.49 16.61 10.34
C SER B 186 0.02 15.63 9.24
N ASN B 187 -0.55 16.14 8.14
CA ASN B 187 -1.12 15.28 7.10
C ASN B 187 -0.95 15.87 5.68
N LEU B 188 -1.05 15.01 4.68
CA LEU B 188 -0.99 15.49 3.30
C LEU B 188 -2.35 15.29 2.66
N VAL B 189 -2.72 16.19 1.75
CA VAL B 189 -3.86 15.93 0.87
C VAL B 189 -3.33 15.58 -0.51
N ALA B 190 -3.64 14.37 -0.97
CA ALA B 190 -3.27 13.95 -2.30
C ALA B 190 -4.43 14.34 -3.17
N ALA B 191 -4.23 15.41 -3.96
CA ALA B 191 -5.25 15.97 -4.84
C ALA B 191 -5.06 15.38 -6.22
N GLY B 192 -6.15 15.32 -6.99
CA GLY B 192 -6.03 15.06 -8.41
C GLY B 192 -5.54 16.30 -9.13
N PRO B 193 -5.26 16.17 -10.44
CA PRO B 193 -4.66 17.28 -11.21
C PRO B 193 -5.56 18.52 -11.27
N ILE B 194 -4.97 19.70 -11.14
CA ILE B 194 -5.73 20.94 -11.17
C ILE B 194 -5.18 21.88 -12.23
N ARG B 195 -6.07 22.49 -13.00
CA ARG B 195 -5.69 23.42 -14.06
C ARG B 195 -5.15 24.71 -13.44
N THR B 196 -4.00 24.56 -12.80
CA THR B 196 -3.22 25.64 -12.30
C THR B 196 -2.33 26.10 -13.48
N LEU B 197 -1.77 27.32 -13.38
CA LEU B 197 -1.10 27.95 -14.53
C LEU B 197 -0.10 27.06 -15.30
N ALA B 198 0.77 26.33 -14.58
CA ALA B 198 1.73 25.43 -15.23
C ALA B 198 0.96 24.36 -16.08
N MET B 199 -0.14 23.83 -15.53
CA MET B 199 -1.00 22.88 -16.22
C MET B 199 -1.65 23.57 -17.43
N SER B 200 -2.12 24.80 -17.19
CA SER B 200 -2.73 25.59 -18.21
C SER B 200 -1.73 25.85 -19.34
N ALA B 201 -0.47 26.12 -18.99
CA ALA B 201 0.58 26.37 -19.99
C ALA B 201 0.83 25.18 -20.95
N ILE B 202 0.99 24.00 -20.37
CA ILE B 202 1.32 22.77 -21.10
C ILE B 202 0.17 22.16 -21.91
N VAL B 203 -1.07 22.30 -21.43
CA VAL B 203 -2.23 21.88 -22.21
C VAL B 203 -2.31 22.79 -23.44
N GLY B 204 -1.88 24.05 -23.28
CA GLY B 204 -1.77 24.97 -24.41
C GLY B 204 -0.62 24.31 -25.16
N GLY B 205 -0.67 24.21 -26.49
CA GLY B 205 0.42 23.57 -27.25
C GLY B 205 1.89 23.70 -26.82
N ALA B 206 2.15 24.29 -25.65
CA ALA B 206 3.49 24.49 -25.13
C ALA B 206 4.12 23.12 -24.89
N LEU B 207 5.41 23.02 -25.18
CA LEU B 207 6.24 21.81 -25.02
C LEU B 207 5.79 20.67 -25.97
N GLY B 208 5.00 21.05 -26.97
CA GLY B 208 4.60 20.15 -28.02
C GLY B 208 3.14 19.76 -27.88
N GLU B 209 2.60 19.22 -28.96
CA GLU B 209 1.22 18.75 -29.01
C GLU B 209 1.15 17.40 -28.27
N GLU B 210 2.23 16.62 -28.43
CA GLU B 210 2.38 15.23 -27.96
C GLU B 210 2.48 15.12 -26.43
N ALA B 211 3.19 16.05 -25.79
CA ALA B 211 3.34 16.02 -24.34
C ALA B 211 2.00 16.39 -23.69
N GLY B 212 1.25 17.21 -24.43
CA GLY B 212 -0.03 17.71 -23.99
C GLY B 212 -1.02 16.58 -24.19
N ALA B 213 -0.74 15.68 -25.13
CA ALA B 213 -1.67 14.57 -25.32
C ALA B 213 -1.42 13.51 -24.25
N GLN B 214 -0.16 13.34 -23.82
CA GLN B 214 0.11 12.41 -22.70
C GLN B 214 -0.62 12.94 -21.47
N ILE B 215 -0.47 14.24 -21.24
CA ILE B 215 -1.09 14.88 -20.10
C ILE B 215 -2.61 14.81 -20.18
N GLN B 216 -3.22 15.10 -21.35
CA GLN B 216 -4.68 15.03 -21.42
C GLN B 216 -5.21 13.63 -21.15
N LEU B 217 -4.43 12.62 -21.51
CA LEU B 217 -4.81 11.23 -21.30
C LEU B 217 -4.85 10.93 -19.82
N LEU B 218 -3.88 11.53 -19.11
CA LEU B 218 -3.77 11.41 -17.67
C LEU B 218 -4.96 12.13 -17.03
N GLU B 219 -5.23 13.33 -17.49
CA GLU B 219 -6.31 14.13 -16.95
C GLU B 219 -7.68 13.51 -17.18
N GLU B 220 -7.90 13.03 -18.40
CA GLU B 220 -9.16 12.36 -18.81
C GLU B 220 -9.46 11.10 -17.98
N GLY B 221 -8.42 10.31 -17.80
CA GLY B 221 -8.45 9.04 -17.09
C GLY B 221 -8.90 9.26 -15.66
N TRP B 222 -8.47 10.38 -15.10
CA TRP B 222 -8.82 10.72 -13.74
C TRP B 222 -10.34 10.79 -13.60
N ASP B 223 -10.96 11.60 -14.44
CA ASP B 223 -12.39 11.83 -14.41
C ASP B 223 -13.15 10.56 -14.73
N GLN B 224 -12.50 9.72 -15.54
CA GLN B 224 -13.08 8.44 -15.93
C GLN B 224 -13.16 7.47 -14.77
N ARG B 225 -12.00 7.19 -14.17
CA ARG B 225 -11.78 6.30 -13.01
C ARG B 225 -12.55 6.81 -11.74
N ALA B 226 -12.53 8.13 -11.52
CA ALA B 226 -13.23 8.75 -10.38
C ALA B 226 -14.73 8.45 -10.43
N PRO B 227 -15.24 7.66 -9.47
CA PRO B 227 -16.65 7.27 -9.41
C PRO B 227 -17.55 8.48 -9.21
N ILE B 228 -16.97 9.61 -8.80
CA ILE B 228 -17.76 10.83 -8.73
C ILE B 228 -17.18 11.87 -9.67
N GLY B 229 -16.37 11.40 -10.63
CA GLY B 229 -15.79 12.30 -11.61
C GLY B 229 -14.75 13.27 -11.07
N TRP B 230 -14.03 13.92 -11.97
CA TRP B 230 -12.99 14.84 -11.54
C TRP B 230 -12.93 16.09 -12.42
N ASN B 231 -13.04 17.25 -11.77
CA ASN B 231 -13.03 18.53 -12.51
C ASN B 231 -11.77 19.35 -12.30
N MET B 232 -10.86 19.21 -13.26
CA MET B 232 -9.55 19.85 -13.20
C MET B 232 -9.59 21.34 -13.00
N LYS B 233 -10.73 21.96 -13.29
CA LYS B 233 -10.86 23.40 -13.28
C LYS B 233 -11.39 23.86 -11.94
N ASP B 234 -11.91 22.92 -11.12
CA ASP B 234 -12.48 23.24 -9.80
C ASP B 234 -11.58 22.77 -8.65
N ALA B 235 -10.94 23.75 -8.02
CA ALA B 235 -9.99 23.50 -6.95
C ALA B 235 -10.69 23.55 -5.61
N THR B 236 -11.98 23.83 -5.64
CA THR B 236 -12.72 23.99 -4.40
C THR B 236 -12.81 22.72 -3.55
N PRO B 237 -13.09 21.56 -4.20
CA PRO B 237 -13.20 20.34 -3.39
C PRO B 237 -11.90 20.04 -2.63
N VAL B 238 -10.73 20.32 -3.21
CA VAL B 238 -9.50 20.12 -2.44
C VAL B 238 -9.34 21.14 -1.31
N ALA B 239 -9.70 22.39 -1.54
CA ALA B 239 -9.60 23.37 -0.46
C ALA B 239 -10.54 22.99 0.66
N LYS B 240 -11.73 22.49 0.35
CA LYS B 240 -12.60 22.03 1.42
C LYS B 240 -11.97 20.88 2.25
N THR B 241 -11.35 19.94 1.55
CA THR B 241 -10.73 18.81 2.21
C THR B 241 -9.62 19.30 3.16
N VAL B 242 -8.76 20.21 2.68
CA VAL B 242 -7.67 20.78 3.48
C VAL B 242 -8.31 21.46 4.71
N CYS B 243 -9.44 22.14 4.52
CA CYS B 243 -10.09 22.79 5.65
C CYS B 243 -10.62 21.79 6.67
N ALA B 244 -11.11 20.63 6.18
CA ALA B 244 -11.57 19.54 7.06
C ALA B 244 -10.45 19.07 7.97
N LEU B 245 -9.23 18.90 7.46
CA LEU B 245 -8.09 18.53 8.28
C LEU B 245 -7.60 19.64 9.23
N LEU B 246 -7.87 20.89 8.88
CA LEU B 246 -7.50 22.02 9.72
C LEU B 246 -8.49 22.12 10.87
N SER B 247 -9.65 21.50 10.67
CA SER B 247 -10.71 21.57 11.66
C SER B 247 -10.45 20.56 12.76
N ASP B 248 -11.42 20.49 13.67
CA ASP B 248 -11.33 19.62 14.81
C ASP B 248 -12.08 18.29 14.53
N TRP B 249 -12.37 18.03 13.24
CA TRP B 249 -13.18 16.87 12.79
C TRP B 249 -12.41 15.64 12.26
N LEU B 250 -11.09 15.74 12.16
CA LEU B 250 -10.25 14.55 11.96
C LEU B 250 -9.20 14.51 13.10
N PRO B 251 -9.63 14.41 14.37
CA PRO B 251 -8.72 14.62 15.52
C PRO B 251 -7.77 13.45 15.78
N ALA B 252 -8.11 12.27 15.25
CA ALA B 252 -7.34 11.06 15.49
C ALA B 252 -6.60 10.66 14.20
N THR B 253 -6.39 11.60 13.28
CA THR B 253 -5.72 11.28 12.01
C THR B 253 -4.44 12.12 11.91
N THR B 254 -3.29 11.45 11.82
CA THR B 254 -2.02 12.16 11.62
C THR B 254 -0.94 11.27 10.98
N GLY B 255 0.06 11.88 10.37
CA GLY B 255 1.05 11.13 9.59
C GLY B 255 0.44 10.46 8.38
N ASP B 256 -0.76 10.89 8.02
CA ASP B 256 -1.55 10.20 7.02
C ASP B 256 -1.72 11.01 5.75
N ILE B 257 -2.34 10.40 4.76
CA ILE B 257 -2.63 11.07 3.49
C ILE B 257 -4.11 10.95 3.23
N ILE B 258 -4.73 12.08 2.99
CA ILE B 258 -6.11 12.09 2.59
C ILE B 258 -6.22 12.43 1.09
N TYR B 259 -6.89 11.54 0.34
CA TYR B 259 -6.99 11.65 -1.12
C TYR B 259 -8.22 12.45 -1.54
N ALA B 260 -8.03 13.69 -1.97
CA ALA B 260 -9.11 14.46 -2.61
C ALA B 260 -8.98 14.30 -4.15
N ASP B 261 -9.29 13.09 -4.66
CA ASP B 261 -9.11 12.80 -6.08
C ASP B 261 -10.37 12.26 -6.74
N GLY B 262 -11.52 12.38 -6.06
CA GLY B 262 -12.73 11.86 -6.66
C GLY B 262 -12.76 10.34 -6.60
N GLY B 263 -11.77 9.76 -5.93
CA GLY B 263 -11.70 8.33 -5.71
C GLY B 263 -10.96 7.61 -6.81
N ALA B 264 -10.31 8.40 -7.67
CA ALA B 264 -9.57 7.87 -8.80
C ALA B 264 -8.56 6.78 -8.39
N HIS B 265 -7.90 6.95 -7.24
CA HIS B 265 -6.77 6.08 -6.89
C HIS B 265 -7.22 4.70 -6.42
N THR B 266 -8.55 4.51 -6.37
CA THR B 266 -9.15 3.28 -5.83
C THR B 266 -9.69 2.42 -6.99
N GLN B 267 -9.67 3.00 -8.19
CA GLN B 267 -10.18 2.33 -9.37
C GLN B 267 -9.01 2.15 -10.35
N LEU B 268 -9.00 0.98 -11.03
CA LEU B 268 -7.96 0.60 -11.98
C LEU B 268 -8.33 1.20 -13.35
N LEU B 269 -9.57 0.99 -13.80
CA LEU B 269 -10.09 1.85 -14.91
C LEU B 269 -11.63 1.85 -14.98
N THR C 2 -23.94 26.54 13.55
CA THR C 2 -24.71 25.87 12.49
C THR C 2 -24.92 24.39 12.84
N GLY C 3 -23.82 23.69 13.06
CA GLY C 3 -23.81 22.24 13.13
C GLY C 3 -23.29 21.68 11.82
N LEU C 4 -22.34 20.76 11.96
CA LEU C 4 -21.67 20.17 10.82
C LEU C 4 -22.62 19.41 9.92
N LEU C 5 -23.68 18.89 10.51
CA LEU C 5 -24.59 18.00 9.81
C LEU C 5 -25.99 18.59 9.79
N ASP C 6 -26.08 19.92 9.82
CA ASP C 6 -27.36 20.63 9.94
C ASP C 6 -28.48 20.23 8.99
N GLY C 7 -29.60 19.83 9.57
CA GLY C 7 -30.73 19.37 8.81
C GLY C 7 -30.30 18.36 7.75
N LYS C 8 -29.49 17.39 8.13
CA LYS C 8 -29.26 16.25 7.26
C LYS C 8 -29.96 15.02 7.80
N ARG C 9 -30.58 14.26 6.91
CA ARG C 9 -31.22 13.01 7.33
C ARG C 9 -30.29 11.84 7.13
N ILE C 10 -29.89 11.22 8.26
CA ILE C 10 -28.88 10.19 8.29
C ILE C 10 -29.37 8.96 8.99
N LEU C 11 -29.16 7.80 8.37
CA LEU C 11 -29.47 6.51 8.99
C LEU C 11 -28.24 5.97 9.71
N VAL C 12 -28.42 5.37 10.88
CA VAL C 12 -27.29 4.81 11.64
C VAL C 12 -27.61 3.40 12.18
N SER C 13 -26.78 2.43 11.80
CA SER C 13 -27.01 1.06 12.23
C SER C 13 -25.98 0.64 13.28
N GLY C 14 -26.23 -0.51 13.88
CA GLY C 14 -25.26 -1.18 14.72
C GLY C 14 -25.14 -0.67 16.15
N ILE C 15 -26.20 -0.09 16.71
CA ILE C 15 -26.19 0.26 18.13
C ILE C 15 -26.72 -0.90 18.92
N ILE C 16 -25.90 -1.36 19.86
CA ILE C 16 -26.28 -2.45 20.74
C ILE C 16 -26.02 -2.11 22.21
N THR C 17 -25.11 -1.17 22.46
CA THR C 17 -24.83 -0.73 23.81
C THR C 17 -24.41 0.71 23.76
N ASP C 18 -24.31 1.36 24.91
CA ASP C 18 -23.90 2.76 24.95
C ASP C 18 -22.38 2.88 24.77
N SER C 19 -21.72 1.73 24.58
CA SER C 19 -20.27 1.65 24.33
C SER C 19 -20.05 1.38 22.83
N SER C 20 -21.11 0.96 22.12
CA SER C 20 -21.06 0.76 20.66
C SER C 20 -20.55 2.02 19.97
N ILE C 21 -19.69 1.84 18.98
CA ILE C 21 -19.18 2.96 18.23
C ILE C 21 -20.35 3.73 17.60
N ALA C 22 -21.34 2.96 17.09
CA ALA C 22 -22.50 3.53 16.45
C ALA C 22 -23.20 4.52 17.39
N PHE C 23 -23.25 4.21 18.68
CA PHE C 23 -23.90 5.09 19.66
C PHE C 23 -23.29 6.52 19.68
N HIS C 24 -21.97 6.61 19.77
CA HIS C 24 -21.29 7.91 19.77
C HIS C 24 -21.41 8.61 18.42
N ILE C 25 -21.40 7.83 17.34
CA ILE C 25 -21.64 8.40 16.03
C ILE C 25 -22.98 9.13 16.03
N ALA C 26 -24.04 8.41 16.41
CA ALA C 26 -25.39 8.94 16.46
C ALA C 26 -25.44 10.12 17.41
N ARG C 27 -24.74 10.01 18.55
CA ARG C 27 -24.76 11.12 19.50
C ARG C 27 -24.16 12.38 18.88
N VAL C 28 -22.92 12.27 18.37
CA VAL C 28 -22.22 13.41 17.77
C VAL C 28 -23.01 13.89 16.53
N ALA C 29 -23.62 12.96 15.79
CA ALA C 29 -24.45 13.35 14.66
C ALA C 29 -25.58 14.28 15.14
N GLN C 30 -26.33 13.86 16.16
CA GLN C 30 -27.41 14.70 16.70
C GLN C 30 -26.92 16.04 17.27
N GLU C 31 -25.85 15.99 18.09
CA GLU C 31 -25.20 17.19 18.62
C GLU C 31 -24.92 18.17 17.51
N GLN C 32 -24.76 17.63 16.31
CA GLN C 32 -24.29 18.42 15.19
C GLN C 32 -25.42 18.66 14.18
N GLY C 33 -26.67 18.43 14.62
CA GLY C 33 -27.83 18.90 13.88
C GLY C 33 -28.44 17.89 12.93
N ALA C 34 -28.09 16.62 13.09
CA ALA C 34 -28.65 15.63 12.20
C ALA C 34 -30.01 15.18 12.71
N GLN C 35 -30.76 14.54 11.82
CA GLN C 35 -32.04 13.95 12.17
C GLN C 35 -31.91 12.53 11.76
N LEU C 36 -31.93 11.66 12.75
CA LEU C 36 -31.49 10.30 12.51
C LEU C 36 -32.62 9.32 12.27
N VAL C 37 -32.22 8.17 11.76
CA VAL C 37 -33.05 7.00 11.69
C VAL C 37 -32.11 5.87 12.11
N LEU C 38 -32.52 5.10 13.11
CA LEU C 38 -31.66 4.07 13.68
C LEU C 38 -32.16 2.70 13.28
N THR C 39 -31.22 1.80 13.06
CA THR C 39 -31.55 0.41 12.86
C THR C 39 -30.98 -0.40 14.01
N GLY C 40 -31.71 -1.46 14.30
CA GLY C 40 -31.42 -2.37 15.36
C GLY C 40 -31.61 -3.75 14.79
N PHE C 41 -31.08 -4.72 15.52
CA PHE C 41 -31.05 -6.06 15.02
C PHE C 41 -31.81 -7.16 15.74
N ASP C 42 -31.48 -7.42 17.00
CA ASP C 42 -32.25 -8.44 17.71
C ASP C 42 -33.06 -7.94 18.91
N ARG C 43 -32.32 -7.41 19.87
CA ARG C 43 -32.83 -6.97 21.15
C ARG C 43 -33.33 -5.54 21.01
N LEU C 44 -34.37 -5.39 20.18
CA LEU C 44 -34.91 -4.09 19.82
C LEU C 44 -35.42 -3.30 21.02
N ARG C 45 -36.16 -3.99 21.85
CA ARG C 45 -36.73 -3.43 23.05
C ARG C 45 -35.61 -2.87 23.92
N LEU C 46 -34.53 -3.64 24.05
CA LEU C 46 -33.33 -3.25 24.76
C LEU C 46 -32.62 -2.03 24.12
N ILE C 47 -32.51 -2.06 22.79
CA ILE C 47 -31.87 -0.97 22.03
C ILE C 47 -32.66 0.32 22.25
N GLN C 48 -33.98 0.26 22.09
CA GLN C 48 -34.83 1.42 22.31
C GLN C 48 -34.54 2.04 23.67
N ARG C 49 -34.37 1.20 24.69
CA ARG C 49 -34.03 1.71 26.02
C ARG C 49 -32.74 2.51 25.97
N ILE C 50 -31.79 2.06 25.15
CA ILE C 50 -30.50 2.71 25.05
C ILE C 50 -30.57 3.99 24.22
N THR C 51 -31.30 3.91 23.12
CA THR C 51 -31.33 5.03 22.21
C THR C 51 -32.14 6.18 22.83
N ASP C 52 -32.89 5.88 23.90
CA ASP C 52 -33.67 6.88 24.65
C ASP C 52 -32.68 7.80 25.35
N ARG C 53 -31.52 7.23 25.67
CA ARG C 53 -30.41 7.94 26.31
C ARG C 53 -29.73 8.89 25.33
N LEU C 54 -30.10 8.85 24.05
CA LEU C 54 -29.57 9.78 23.04
C LEU C 54 -30.17 11.19 23.19
N PRO C 55 -29.43 12.26 22.80
CA PRO C 55 -29.89 13.66 22.95
C PRO C 55 -31.21 14.00 22.24
N ALA C 56 -31.62 13.19 21.26
CA ALA C 56 -32.92 13.38 20.62
C ALA C 56 -33.56 12.03 20.33
N LYS C 57 -34.89 12.03 20.25
CA LYS C 57 -35.62 10.84 19.87
C LYS C 57 -35.29 10.57 18.41
N ALA C 58 -35.34 9.30 18.02
CA ALA C 58 -35.11 8.93 16.65
C ALA C 58 -35.78 7.59 16.48
N PRO C 59 -36.44 7.40 15.33
CA PRO C 59 -37.15 6.15 15.00
C PRO C 59 -36.19 4.97 15.02
N LEU C 60 -36.61 3.85 15.58
CA LEU C 60 -35.79 2.67 15.56
C LEU C 60 -36.47 1.62 14.68
N LEU C 61 -35.74 1.15 13.68
CA LEU C 61 -36.26 0.16 12.75
C LEU C 61 -35.48 -1.11 12.84
N GLU C 62 -36.14 -2.25 12.66
CA GLU C 62 -35.47 -3.52 12.77
C GLU C 62 -34.80 -3.83 11.47
N LEU C 63 -33.56 -4.30 11.58
CA LEU C 63 -32.78 -4.71 10.43
C LEU C 63 -31.77 -5.82 10.74
N ASP C 64 -32.16 -7.06 10.45
CA ASP C 64 -31.24 -8.18 10.46
C ASP C 64 -30.74 -8.27 9.06
N VAL C 65 -29.49 -7.86 8.90
CA VAL C 65 -28.83 -7.77 7.62
C VAL C 65 -28.87 -9.10 6.83
N GLN C 66 -29.00 -10.22 7.54
CA GLN C 66 -29.06 -11.51 6.86
C GLN C 66 -30.45 -11.87 6.36
N ASN C 67 -31.44 -11.08 6.76
CA ASN C 67 -32.83 -11.24 6.34
C ASN C 67 -33.21 -10.37 5.14
N GLU C 68 -33.39 -11.03 4.00
CA GLU C 68 -33.72 -10.36 2.75
C GLU C 68 -34.98 -9.53 2.80
N GLU C 69 -35.95 -10.05 3.55
CA GLU C 69 -37.23 -9.40 3.66
C GLU C 69 -37.02 -8.04 4.32
N HIS C 70 -36.18 -8.02 5.37
CA HIS C 70 -35.86 -6.79 6.09
C HIS C 70 -35.21 -5.78 5.15
N LEU C 71 -34.41 -6.30 4.22
CA LEU C 71 -33.68 -5.44 3.30
C LEU C 71 -34.61 -4.82 2.29
N ALA C 72 -35.45 -5.66 1.68
CA ALA C 72 -36.42 -5.21 0.69
C ALA C 72 -37.37 -4.15 1.29
N SER C 73 -37.87 -4.42 2.50
CA SER C 73 -38.83 -3.53 3.19
C SER C 73 -38.17 -2.23 3.63
N LEU C 74 -36.83 -2.26 3.74
CA LEU C 74 -36.08 -1.22 4.43
C LEU C 74 -36.31 0.19 3.92
N ALA C 75 -36.21 0.40 2.62
CA ALA C 75 -36.41 1.75 2.08
C ALA C 75 -37.81 2.30 2.37
N GLY C 76 -38.84 1.47 2.17
CA GLY C 76 -40.21 1.81 2.51
C GLY C 76 -40.32 2.23 3.96
N ARG C 77 -39.92 1.32 4.83
CA ARG C 77 -39.96 1.56 6.27
C ARG C 77 -39.19 2.83 6.68
N VAL C 78 -38.10 3.11 5.96
CA VAL C 78 -37.31 4.31 6.24
C VAL C 78 -38.05 5.58 5.82
N THR C 79 -38.66 5.54 4.63
CA THR C 79 -39.30 6.71 4.05
C THR C 79 -40.49 7.11 4.97
N GLU C 80 -41.27 6.11 5.41
CA GLU C 80 -42.34 6.34 6.38
C GLU C 80 -41.86 7.17 7.57
N ALA C 81 -40.65 6.90 8.02
CA ALA C 81 -40.15 7.53 9.23
C ALA C 81 -39.68 8.99 9.01
N ILE C 82 -39.36 9.34 7.75
CA ILE C 82 -38.82 10.66 7.45
C ILE C 82 -39.77 11.51 6.60
N GLY C 83 -40.83 10.88 6.11
CA GLY C 83 -41.81 11.58 5.32
C GLY C 83 -41.58 11.30 3.84
N ALA C 84 -42.64 10.94 3.11
CA ALA C 84 -42.52 10.66 1.68
C ALA C 84 -42.03 11.93 0.96
N GLY C 85 -41.30 11.77 -0.15
CA GLY C 85 -40.73 12.93 -0.82
C GLY C 85 -39.48 13.44 -0.11
N ASN C 86 -39.01 12.69 0.88
CA ASN C 86 -37.72 12.92 1.53
C ASN C 86 -36.73 11.78 1.35
N LYS C 87 -35.47 12.14 1.18
CA LYS C 87 -34.43 11.16 1.09
C LYS C 87 -33.27 11.40 2.07
N LEU C 88 -32.47 10.35 2.22
CA LEU C 88 -31.32 10.33 3.09
C LEU C 88 -30.14 11.10 2.53
N ASP C 89 -29.38 11.70 3.42
CA ASP C 89 -28.16 12.38 3.04
C ASP C 89 -26.97 11.53 3.49
N GLY C 90 -27.21 10.67 4.47
CA GLY C 90 -26.15 9.84 5.02
C GLY C 90 -26.58 8.47 5.52
N VAL C 91 -25.65 7.53 5.42
CA VAL C 91 -25.84 6.19 5.90
C VAL C 91 -24.59 5.72 6.59
N VAL C 92 -24.74 5.11 7.77
CA VAL C 92 -23.57 4.61 8.48
C VAL C 92 -23.69 3.10 8.73
N HIS C 93 -22.72 2.35 8.24
CA HIS C 93 -22.69 0.93 8.46
C HIS C 93 -21.68 0.66 9.58
N SER C 94 -22.17 0.36 10.78
CA SER C 94 -21.30 0.03 11.92
C SER C 94 -21.72 -1.37 12.42
N ILE C 95 -21.51 -2.36 11.55
CA ILE C 95 -21.96 -3.71 11.75
C ILE C 95 -20.87 -4.69 11.56
N GLY C 96 -20.70 -5.58 12.52
CA GLY C 96 -19.71 -6.62 12.38
C GLY C 96 -20.05 -7.79 13.25
N PHE C 97 -19.66 -8.97 12.79
CA PHE C 97 -19.82 -10.14 13.64
C PHE C 97 -18.92 -11.28 13.18
N MET C 98 -18.35 -11.97 14.15
CA MET C 98 -17.55 -13.15 13.87
C MET C 98 -17.61 -14.11 15.03
N PRO C 99 -18.09 -15.33 14.76
CA PRO C 99 -18.11 -16.48 15.66
C PRO C 99 -16.75 -16.71 16.35
N GLN C 100 -16.75 -17.14 17.61
CA GLN C 100 -15.50 -17.33 18.35
C GLN C 100 -14.60 -18.39 17.71
N THR C 101 -15.15 -19.16 16.77
CA THR C 101 -14.38 -20.18 16.07
C THR C 101 -13.44 -19.51 15.07
N GLY C 102 -13.82 -18.31 14.61
CA GLY C 102 -13.04 -17.58 13.63
C GLY C 102 -12.29 -16.37 14.19
N MET C 103 -12.45 -16.15 15.50
CA MET C 103 -11.86 -15.00 16.15
C MET C 103 -11.55 -15.35 17.59
N GLY C 104 -10.48 -14.78 18.14
CA GLY C 104 -10.06 -15.05 19.50
C GLY C 104 -9.05 -16.19 19.68
N ILE C 105 -9.40 -17.17 20.50
CA ILE C 105 -8.42 -18.19 20.88
C ILE C 105 -8.42 -19.47 20.07
N ASN C 106 -9.53 -19.74 19.38
CA ASN C 106 -9.58 -20.92 18.53
C ASN C 106 -8.57 -20.75 17.40
N PRO C 107 -7.76 -21.80 17.14
CA PRO C 107 -6.78 -21.73 16.06
C PRO C 107 -7.39 -21.35 14.72
N PHE C 108 -6.55 -20.71 13.91
CA PHE C 108 -6.97 -20.20 12.61
C PHE C 108 -7.51 -21.35 11.72
N PHE C 109 -6.86 -22.50 11.73
CA PHE C 109 -7.27 -23.59 10.86
C PHE C 109 -8.55 -24.28 11.31
N ASP C 110 -9.01 -23.99 12.52
CA ASP C 110 -10.11 -24.75 13.09
C ASP C 110 -11.45 -24.04 12.92
N ALA C 111 -11.48 -22.96 12.15
CA ALA C 111 -12.74 -22.25 11.90
C ALA C 111 -13.47 -22.92 10.75
N PRO C 112 -14.69 -23.38 11.00
CA PRO C 112 -15.59 -24.00 9.99
C PRO C 112 -16.20 -22.96 9.01
N TYR C 113 -16.16 -23.28 7.71
CA TYR C 113 -16.53 -22.27 6.73
C TYR C 113 -17.95 -21.71 6.93
N ALA C 114 -18.84 -22.46 7.56
CA ALA C 114 -20.20 -21.97 7.79
C ALA C 114 -20.14 -20.77 8.74
N ASP C 115 -19.24 -20.85 9.73
CA ASP C 115 -19.00 -19.76 10.69
C ASP C 115 -18.30 -18.61 10.02
N VAL C 116 -17.24 -18.92 9.26
CA VAL C 116 -16.57 -17.86 8.53
C VAL C 116 -17.56 -17.16 7.57
N SER C 117 -18.33 -17.95 6.80
CA SER C 117 -19.30 -17.42 5.82
C SER C 117 -20.35 -16.57 6.49
N LYS C 118 -20.68 -16.92 7.72
CA LYS C 118 -21.62 -16.10 8.43
C LYS C 118 -20.99 -14.75 8.77
N GLY C 119 -19.73 -14.76 9.23
CA GLY C 119 -19.03 -13.53 9.57
C GLY C 119 -18.83 -12.57 8.41
N ILE C 120 -18.39 -13.12 7.28
CA ILE C 120 -18.18 -12.34 6.09
C ILE C 120 -19.53 -11.78 5.62
N HIS C 121 -20.55 -12.61 5.67
CA HIS C 121 -21.90 -12.18 5.32
C HIS C 121 -22.23 -10.89 6.07
N ILE C 122 -22.05 -10.93 7.39
CA ILE C 122 -22.48 -9.81 8.23
C ILE C 122 -21.49 -8.64 8.15
N SER C 123 -20.20 -8.95 8.04
CA SER C 123 -19.17 -7.92 8.18
C SER C 123 -18.75 -7.28 6.83
N ALA C 124 -18.93 -8.00 5.72
CA ALA C 124 -18.50 -7.50 4.41
C ALA C 124 -19.67 -7.31 3.43
N TYR C 125 -20.31 -8.41 3.03
CA TYR C 125 -21.44 -8.34 2.10
C TYR C 125 -22.52 -7.32 2.52
N SER C 126 -22.85 -7.27 3.82
CA SER C 126 -23.89 -6.36 4.34
C SER C 126 -23.68 -4.91 3.88
N TYR C 127 -22.41 -4.51 3.72
CA TYR C 127 -22.10 -3.15 3.28
C TYR C 127 -22.68 -2.93 1.87
N ALA C 128 -22.57 -3.94 1.00
CA ALA C 128 -23.15 -3.85 -0.35
C ALA C 128 -24.70 -3.89 -0.29
N SER C 129 -25.23 -4.91 0.39
CA SER C 129 -26.68 -5.11 0.48
C SER C 129 -27.43 -3.97 1.18
N MET C 130 -26.76 -3.30 2.12
CA MET C 130 -27.33 -2.06 2.70
C MET C 130 -27.36 -0.92 1.66
N ALA C 131 -26.27 -0.77 0.89
CA ALA C 131 -26.18 0.26 -0.15
C ALA C 131 -27.18 0.02 -1.28
N LYS C 132 -27.39 -1.25 -1.67
CA LYS C 132 -28.38 -1.58 -2.70
C LYS C 132 -29.78 -1.14 -2.25
N ALA C 133 -30.08 -1.44 -0.98
CA ALA C 133 -31.35 -1.08 -0.36
C ALA C 133 -31.52 0.42 -0.30
N LEU C 134 -30.44 1.14 0.01
CA LEU C 134 -30.61 2.53 0.40
C LEU C 134 -30.30 3.58 -0.65
N LEU C 135 -29.44 3.27 -1.62
CA LEU C 135 -29.11 4.26 -2.65
C LEU C 135 -30.35 4.87 -3.37
N PRO C 136 -31.38 4.05 -3.68
CA PRO C 136 -32.55 4.67 -4.34
C PRO C 136 -33.19 5.83 -3.55
N ILE C 137 -33.02 5.84 -2.23
CA ILE C 137 -33.62 6.90 -1.42
C ILE C 137 -32.60 7.82 -0.76
N MET C 138 -31.45 7.99 -1.43
CA MET C 138 -30.42 8.92 -0.98
C MET C 138 -30.29 10.11 -1.94
N ASN C 139 -30.09 11.28 -1.36
CA ASN C 139 -29.91 12.48 -2.13
C ASN C 139 -28.51 12.53 -2.64
N PRO C 140 -28.33 12.96 -3.88
CA PRO C 140 -27.04 13.29 -4.46
C PRO C 140 -26.23 14.18 -3.51
N GLY C 141 -24.94 13.86 -3.32
CA GLY C 141 -24.10 14.60 -2.38
C GLY C 141 -23.96 13.84 -1.08
N GLY C 142 -24.72 12.75 -1.01
CA GLY C 142 -24.83 11.95 0.19
C GLY C 142 -23.60 11.14 0.46
N SER C 143 -23.56 10.51 1.63
CA SER C 143 -22.37 9.80 2.04
C SER C 143 -22.75 8.49 2.73
N ILE C 144 -22.02 7.43 2.40
CA ILE C 144 -22.10 6.16 3.15
C ILE C 144 -20.74 5.84 3.81
N VAL C 145 -20.77 5.55 5.10
CA VAL C 145 -19.57 5.23 5.84
C VAL C 145 -19.67 3.84 6.47
N GLY C 146 -18.61 3.06 6.32
CA GLY C 146 -18.54 1.78 6.97
C GLY C 146 -17.38 1.83 7.96
N MET C 147 -17.34 0.86 8.87
CA MET C 147 -16.32 0.80 9.91
C MET C 147 -15.29 -0.28 9.60
N ASP C 148 -14.03 0.12 9.59
CA ASP C 148 -12.95 -0.78 9.22
C ASP C 148 -12.00 -0.90 10.39
N PHE C 149 -11.29 -2.03 10.39
CA PHE C 149 -10.16 -2.25 11.26
C PHE C 149 -9.03 -2.77 10.40
N ASP C 150 -7.92 -2.03 10.36
CA ASP C 150 -6.88 -2.25 9.37
C ASP C 150 -6.41 -3.73 9.27
N PRO C 151 -6.68 -4.39 8.11
CA PRO C 151 -6.34 -5.79 7.83
C PRO C 151 -5.14 -5.95 6.88
N SER C 152 -4.38 -4.89 6.60
CA SER C 152 -3.27 -4.97 5.63
C SER C 152 -2.10 -5.83 6.12
N ARG C 153 -2.01 -5.99 7.44
CA ARG C 153 -1.04 -6.92 8.06
C ARG C 153 -1.79 -7.81 9.02
N ALA C 154 -1.31 -9.06 9.16
CA ALA C 154 -1.95 -10.08 10.02
C ALA C 154 -1.64 -9.77 11.48
N MET C 155 -2.59 -10.01 12.36
CA MET C 155 -2.39 -9.81 13.78
C MET C 155 -2.89 -11.05 14.55
N PRO C 156 -2.48 -11.23 15.81
CA PRO C 156 -2.72 -12.54 16.41
C PRO C 156 -4.17 -12.99 16.58
N ALA C 157 -5.00 -12.22 17.26
CA ALA C 157 -6.31 -12.81 17.64
C ALA C 157 -7.38 -12.67 16.57
N TYR C 158 -7.38 -11.54 15.87
CA TYR C 158 -8.50 -11.18 15.01
C TYR C 158 -8.81 -12.16 13.90
N ASN C 159 -7.79 -12.83 13.37
CA ASN C 159 -8.01 -13.97 12.46
C ASN C 159 -9.01 -13.69 11.33
N TRP C 160 -10.09 -14.46 11.29
CA TRP C 160 -11.09 -14.29 10.24
C TRP C 160 -11.84 -12.93 10.18
N MET C 161 -11.88 -12.18 11.28
CA MET C 161 -12.45 -10.84 11.22
C MET C 161 -11.55 -9.93 10.39
N THR C 162 -10.25 -10.10 10.58
CA THR C 162 -9.27 -9.43 9.75
C THR C 162 -9.50 -9.78 8.27
N VAL C 163 -9.72 -11.06 7.97
CA VAL C 163 -10.00 -11.47 6.59
C VAL C 163 -11.28 -10.80 6.07
N ALA C 164 -12.31 -10.78 6.91
CA ALA C 164 -13.55 -10.12 6.55
C ALA C 164 -13.35 -8.65 6.19
N LYS C 165 -12.52 -7.96 6.98
CA LYS C 165 -12.26 -6.55 6.75
C LYS C 165 -11.55 -6.32 5.41
N SER C 166 -10.69 -7.24 5.01
CA SER C 166 -10.02 -7.14 3.71
C SER C 166 -11.11 -7.19 2.66
N ALA C 167 -12.00 -8.14 2.80
CA ALA C 167 -13.12 -8.23 1.88
C ALA C 167 -13.94 -6.92 1.92
N LEU C 168 -14.23 -6.44 3.14
CA LEU C 168 -15.04 -5.23 3.30
C LEU C 168 -14.36 -4.05 2.60
N GLU C 169 -13.02 -3.94 2.69
CA GLU C 169 -12.31 -2.84 2.03
C GLU C 169 -12.53 -2.92 0.53
N SER C 170 -12.41 -4.13 0.00
CA SER C 170 -12.62 -4.43 -1.42
C SER C 170 -14.03 -4.05 -1.82
N VAL C 171 -15.00 -4.43 -1.00
CA VAL C 171 -16.38 -4.11 -1.28
C VAL C 171 -16.63 -2.59 -1.33
N ASN C 172 -16.02 -1.84 -0.39
CA ASN C 172 -16.17 -0.38 -0.32
C ASN C 172 -15.77 0.23 -1.63
N ARG C 173 -14.70 -0.29 -2.21
CA ARG C 173 -14.26 0.23 -3.48
C ARG C 173 -15.30 0.01 -4.58
N PHE C 174 -15.95 -1.15 -4.60
CA PHE C 174 -16.98 -1.44 -5.63
C PHE C 174 -18.26 -0.69 -5.38
N VAL C 175 -18.63 -0.55 -4.12
CA VAL C 175 -19.82 0.21 -3.78
C VAL C 175 -19.70 1.66 -4.23
N ALA C 176 -18.51 2.26 -4.16
CA ALA C 176 -18.35 3.68 -4.56
C ALA C 176 -18.66 3.87 -6.06
N ARG C 177 -18.36 2.87 -6.90
CA ARG C 177 -18.66 2.95 -8.36
C ARG C 177 -20.16 3.08 -8.59
N GLU C 178 -20.91 2.22 -7.89
CA GLU C 178 -22.36 2.17 -7.98
C GLU C 178 -22.91 3.42 -7.32
N ALA C 179 -22.39 3.74 -6.13
CA ALA C 179 -22.87 4.92 -5.42
C ALA C 179 -22.64 6.19 -6.23
N GLY C 180 -21.68 6.16 -7.15
CA GLY C 180 -21.34 7.37 -7.88
C GLY C 180 -22.41 7.87 -8.81
N LYS C 181 -23.16 6.91 -9.35
CA LYS C 181 -24.26 7.16 -10.25
C LYS C 181 -25.33 7.99 -9.58
N TYR C 182 -25.41 7.90 -8.24
CA TYR C 182 -26.42 8.65 -7.50
C TYR C 182 -25.77 9.92 -6.91
N GLY C 183 -24.49 10.15 -7.24
CA GLY C 183 -23.75 11.29 -6.72
C GLY C 183 -23.39 11.15 -5.25
N VAL C 184 -23.28 9.91 -4.83
CA VAL C 184 -23.02 9.58 -3.44
C VAL C 184 -21.62 8.96 -3.26
N ARG C 185 -20.94 9.40 -2.22
CA ARG C 185 -19.64 8.87 -1.84
C ARG C 185 -19.79 7.64 -0.93
N SER C 186 -18.79 6.75 -0.96
CA SER C 186 -18.76 5.61 -0.06
C SER C 186 -17.34 5.40 0.49
N ASN C 187 -17.20 5.40 1.81
CA ASN C 187 -15.88 5.31 2.44
C ASN C 187 -15.90 4.50 3.75
N LEU C 188 -14.74 4.00 4.16
CA LEU C 188 -14.64 3.29 5.43
C LEU C 188 -13.79 4.11 6.36
N VAL C 189 -14.12 4.08 7.64
CA VAL C 189 -13.23 4.60 8.66
C VAL C 189 -12.56 3.45 9.35
N ALA C 190 -11.23 3.39 9.28
CA ALA C 190 -10.42 2.39 9.97
C ALA C 190 -10.07 2.94 11.35
N ALA C 191 -10.69 2.37 12.36
CA ALA C 191 -10.51 2.82 13.71
C ALA C 191 -9.44 2.02 14.44
N GLY C 192 -8.77 2.64 15.42
CA GLY C 192 -7.95 1.89 16.33
C GLY C 192 -8.91 1.21 17.28
N PRO C 193 -8.40 0.33 18.15
CA PRO C 193 -9.23 -0.49 19.05
C PRO C 193 -10.05 0.32 20.03
N ILE C 194 -11.29 -0.09 20.24
CA ILE C 194 -12.17 0.60 21.17
C ILE C 194 -12.74 -0.37 22.22
N ARG C 195 -12.74 0.06 23.49
CA ARG C 195 -13.27 -0.73 24.61
C ARG C 195 -14.77 -0.83 24.61
N THR C 196 -15.29 -1.58 23.65
CA THR C 196 -16.70 -1.91 23.67
C THR C 196 -16.76 -3.14 24.53
N LEU C 197 -17.97 -3.46 24.98
CA LEU C 197 -18.19 -4.48 26.01
C LEU C 197 -17.41 -5.75 25.76
N ALA C 198 -17.47 -6.26 24.52
CA ALA C 198 -16.77 -7.46 24.06
C ALA C 198 -15.23 -7.33 24.25
N MET C 199 -14.67 -6.17 23.91
CA MET C 199 -13.25 -5.92 24.13
C MET C 199 -12.92 -5.88 25.62
N SER C 200 -13.73 -5.19 26.40
CA SER C 200 -13.52 -5.10 27.85
C SER C 200 -13.59 -6.48 28.45
N ALA C 201 -14.51 -7.27 27.90
CA ALA C 201 -14.77 -8.65 28.30
C ALA C 201 -13.55 -9.53 28.13
N ILE C 202 -12.91 -9.46 26.97
CA ILE C 202 -11.78 -10.33 26.65
C ILE C 202 -10.53 -9.90 27.43
N VAL C 203 -10.40 -8.59 27.65
CA VAL C 203 -9.34 -8.05 28.49
C VAL C 203 -9.52 -8.48 29.92
N GLY C 204 -10.76 -8.64 30.34
CA GLY C 204 -11.03 -9.16 31.67
C GLY C 204 -10.64 -10.61 31.86
N GLY C 205 -10.50 -11.39 30.79
CA GLY C 205 -10.11 -12.78 30.94
C GLY C 205 -11.15 -13.80 30.54
N ALA C 206 -12.24 -13.33 29.95
CA ALA C 206 -13.34 -14.19 29.54
C ALA C 206 -12.94 -15.21 28.47
N LEU C 207 -11.85 -14.98 27.74
CA LEU C 207 -11.39 -15.93 26.72
C LEU C 207 -10.02 -16.46 27.10
N GLY C 208 -9.69 -16.32 28.37
CA GLY C 208 -8.44 -16.86 28.84
C GLY C 208 -7.50 -15.76 29.20
N GLU C 209 -6.44 -16.15 29.90
CA GLU C 209 -5.43 -15.24 30.37
C GLU C 209 -4.57 -14.81 29.20
N GLU C 210 -4.33 -15.74 28.27
CA GLU C 210 -3.40 -15.49 27.17
C GLU C 210 -3.99 -14.48 26.20
N ALA C 211 -5.29 -14.58 25.95
CA ALA C 211 -5.98 -13.70 25.00
C ALA C 211 -6.14 -12.29 25.55
N GLY C 212 -6.22 -12.16 26.86
CA GLY C 212 -6.41 -10.85 27.44
C GLY C 212 -5.11 -10.10 27.42
N ALA C 213 -4.02 -10.85 27.46
CA ALA C 213 -2.70 -10.26 27.43
C ALA C 213 -2.37 -9.88 26.00
N GLN C 214 -2.91 -10.64 25.03
CA GLN C 214 -2.75 -10.32 23.61
C GLN C 214 -3.35 -8.96 23.31
N ILE C 215 -4.56 -8.73 23.79
CA ILE C 215 -5.20 -7.46 23.54
C ILE C 215 -4.50 -6.26 24.18
N GLN C 216 -4.12 -6.34 25.46
CA GLN C 216 -3.47 -5.19 26.07
C GLN C 216 -2.14 -4.90 25.40
N LEU C 217 -1.49 -5.95 24.90
CA LEU C 217 -0.21 -5.79 24.25
C LEU C 217 -0.46 -5.03 22.95
N LEU C 218 -1.60 -5.34 22.32
CA LEU C 218 -2.02 -4.67 21.09
C LEU C 218 -2.37 -3.22 21.36
N GLU C 219 -3.18 -2.96 22.40
CA GLU C 219 -3.59 -1.61 22.73
C GLU C 219 -2.40 -0.75 23.14
N GLU C 220 -1.52 -1.33 23.94
CA GLU C 220 -0.33 -0.59 24.38
C GLU C 220 0.50 -0.16 23.19
N GLY C 221 0.73 -1.04 22.23
CA GLY C 221 1.55 -0.71 21.08
C GLY C 221 0.97 0.44 20.26
N TRP C 222 -0.37 0.45 20.14
CA TRP C 222 -1.10 1.47 19.40
C TRP C 222 -0.82 2.84 19.98
N ASP C 223 -1.01 3.02 21.29
CA ASP C 223 -0.81 4.33 21.87
C ASP C 223 0.66 4.77 21.74
N GLN C 224 1.61 3.82 21.73
CA GLN C 224 3.03 4.14 21.59
C GLN C 224 3.30 4.65 20.19
N ARG C 225 2.94 3.83 19.22
CA ARG C 225 3.08 4.16 17.83
C ARG C 225 2.30 5.43 17.43
N ALA C 226 1.08 5.61 17.95
CA ALA C 226 0.31 6.82 17.63
C ALA C 226 1.03 8.09 18.02
N PRO C 227 1.44 8.89 17.04
CA PRO C 227 2.16 10.12 17.42
C PRO C 227 1.30 11.08 18.26
N ILE C 228 0.01 10.84 18.25
CA ILE C 228 -0.88 11.62 19.10
C ILE C 228 -1.62 10.75 20.14
N GLY C 229 -1.07 9.57 20.40
CA GLY C 229 -1.63 8.64 21.36
C GLY C 229 -2.96 8.06 20.92
N TRP C 230 -3.39 7.02 21.62
CA TRP C 230 -4.64 6.34 21.30
C TRP C 230 -5.32 5.93 22.59
N ASN C 231 -6.55 6.38 22.78
CA ASN C 231 -7.30 6.07 23.99
C ASN C 231 -8.45 5.11 23.72
N MET C 232 -8.24 3.82 23.98
CA MET C 232 -9.22 2.77 23.68
C MET C 232 -10.59 3.06 24.26
N LYS C 233 -10.64 3.95 25.25
CA LYS C 233 -11.86 4.18 25.99
C LYS C 233 -12.65 5.37 25.45
N ASP C 234 -12.04 6.16 24.58
CA ASP C 234 -12.70 7.35 24.02
C ASP C 234 -13.07 7.15 22.52
N ALA C 235 -14.36 6.95 22.24
CA ALA C 235 -14.79 6.68 20.87
C ALA C 235 -15.19 7.95 20.13
N THR C 236 -15.13 9.10 20.79
CA THR C 236 -15.59 10.32 20.11
C THR C 236 -14.72 10.67 18.89
N PRO C 237 -13.36 10.56 18.99
CA PRO C 237 -12.61 10.91 17.77
C PRO C 237 -13.00 10.05 16.55
N VAL C 238 -13.33 8.76 16.71
CA VAL C 238 -13.76 8.02 15.51
C VAL C 238 -15.16 8.50 15.09
N ALA C 239 -16.05 8.75 16.05
CA ALA C 239 -17.39 9.27 15.72
C ALA C 239 -17.29 10.66 15.05
N LYS C 240 -16.39 11.52 15.55
CA LYS C 240 -16.14 12.81 14.92
C LYS C 240 -15.66 12.58 13.48
N THR C 241 -14.76 11.63 13.28
CA THR C 241 -14.25 11.28 11.95
C THR C 241 -15.39 10.82 11.02
N VAL C 242 -16.23 9.92 11.53
CA VAL C 242 -17.35 9.42 10.76
C VAL C 242 -18.23 10.59 10.35
N CYS C 243 -18.44 11.52 11.27
CA CYS C 243 -19.29 12.67 10.98
C CYS C 243 -18.71 13.58 9.91
N ALA C 244 -17.38 13.71 9.91
CA ALA C 244 -16.66 14.48 8.90
C ALA C 244 -16.94 13.90 7.51
N LEU C 245 -16.95 12.56 7.36
CA LEU C 245 -17.30 11.96 6.07
C LEU C 245 -18.78 12.11 5.73
N LEU C 246 -19.63 12.28 6.73
CA LEU C 246 -21.04 12.48 6.44
C LEU C 246 -21.28 13.90 5.99
N SER C 247 -20.33 14.79 6.30
CA SER C 247 -20.47 16.21 5.99
C SER C 247 -20.12 16.50 4.56
N ASP C 248 -20.16 17.77 4.21
CA ASP C 248 -19.89 18.18 2.85
C ASP C 248 -18.41 18.58 2.71
N TRP C 249 -17.60 18.18 3.70
CA TRP C 249 -16.17 18.58 3.79
C TRP C 249 -15.13 17.57 3.28
N LEU C 250 -15.56 16.38 2.90
CA LEU C 250 -14.68 15.50 2.14
C LEU C 250 -15.40 15.13 0.80
N PRO C 251 -15.71 16.15 -0.05
CA PRO C 251 -16.58 15.99 -1.22
C PRO C 251 -15.90 15.29 -2.39
N ALA C 252 -14.57 15.26 -2.36
CA ALA C 252 -13.86 14.68 -3.47
C ALA C 252 -13.20 13.33 -3.09
N THR C 253 -13.70 12.71 -2.00
CA THR C 253 -13.17 11.43 -1.45
C THR C 253 -14.21 10.31 -1.47
N THR C 254 -13.90 9.21 -2.20
CA THR C 254 -14.77 8.01 -2.22
C THR C 254 -14.07 6.70 -2.62
N GLY C 255 -14.66 5.57 -2.21
CA GLY C 255 -14.02 4.27 -2.37
C GLY C 255 -12.76 4.22 -1.51
N ASP C 256 -12.65 5.14 -0.56
CA ASP C 256 -11.40 5.29 0.15
C ASP C 256 -11.53 4.90 1.64
N ILE C 257 -10.41 4.93 2.35
CA ILE C 257 -10.39 4.63 3.77
C ILE C 257 -9.77 5.78 4.55
N ILE C 258 -10.47 6.30 5.56
CA ILE C 258 -9.91 7.32 6.46
C ILE C 258 -9.50 6.66 7.81
N TYR C 259 -8.23 6.82 8.20
CA TYR C 259 -7.73 6.16 9.41
C TYR C 259 -7.90 7.03 10.64
N ALA C 260 -8.87 6.69 11.50
CA ALA C 260 -8.98 7.34 12.81
C ALA C 260 -8.29 6.45 13.85
N ASP C 261 -6.95 6.39 13.78
CA ASP C 261 -6.14 5.51 14.63
C ASP C 261 -4.99 6.18 15.41
N GLY C 262 -4.99 7.50 15.48
CA GLY C 262 -3.95 8.23 16.17
C GLY C 262 -2.69 8.26 15.33
N GLY C 263 -2.76 7.72 14.11
CA GLY C 263 -1.63 7.76 13.21
C GLY C 263 -0.71 6.58 13.37
N ALA C 264 -1.22 5.61 14.14
CA ALA C 264 -0.48 4.39 14.44
C ALA C 264 0.01 3.69 13.20
N HIS C 265 -0.78 3.67 12.12
CA HIS C 265 -0.44 2.82 10.99
C HIS C 265 0.67 3.39 10.12
N THR C 266 1.19 4.55 10.51
CA THR C 266 2.18 5.24 9.69
C THR C 266 3.51 5.04 10.41
N GLN C 267 3.49 4.48 11.61
CA GLN C 267 4.72 4.34 12.36
C GLN C 267 5.02 2.89 12.54
N LEU C 268 6.30 2.54 12.45
CA LEU C 268 6.71 1.14 12.59
C LEU C 268 6.84 0.81 14.05
N LEU C 269 7.59 1.64 14.76
CA LEU C 269 7.57 1.69 16.21
C LEU C 269 8.07 3.01 16.74
N THR D 2 21.53 -30.39 -12.33
CA THR D 2 20.84 -29.39 -11.52
C THR D 2 19.34 -29.39 -11.75
N GLY D 3 18.81 -28.23 -12.11
CA GLY D 3 17.37 -28.01 -12.08
C GLY D 3 17.05 -27.25 -10.81
N LEU D 4 16.26 -26.19 -10.95
CA LEU D 4 15.92 -25.29 -9.85
C LEU D 4 15.20 -26.01 -8.74
N LEU D 5 14.47 -27.08 -9.08
CA LEU D 5 13.63 -27.76 -8.11
C LEU D 5 14.06 -29.23 -7.94
N ASP D 6 15.35 -29.51 -8.16
CA ASP D 6 15.87 -30.88 -8.17
C ASP D 6 15.52 -31.77 -6.97
N GLY D 7 14.90 -32.91 -7.29
CA GLY D 7 14.41 -33.87 -6.31
C GLY D 7 13.58 -33.21 -5.21
N LYS D 8 12.65 -32.35 -5.62
CA LYS D 8 11.62 -31.88 -4.70
C LYS D 8 10.26 -32.51 -5.01
N ARG D 9 9.55 -32.92 -3.96
CA ARG D 9 8.21 -33.48 -4.18
C ARG D 9 7.18 -32.37 -3.97
N ILE D 10 6.47 -32.02 -5.04
CA ILE D 10 5.59 -30.86 -5.03
C ILE D 10 4.18 -31.22 -5.50
N LEU D 11 3.20 -30.78 -4.72
CA LEU D 11 1.80 -30.93 -5.11
C LEU D 11 1.35 -29.71 -5.90
N VAL D 12 0.56 -29.98 -6.94
CA VAL D 12 0.07 -28.93 -7.79
C VAL D 12 -1.42 -29.17 -8.04
N SER D 13 -2.24 -28.20 -7.69
CA SER D 13 -3.67 -28.35 -7.91
C SER D 13 -4.17 -27.46 -9.05
N GLY D 14 -5.41 -27.67 -9.48
CA GLY D 14 -6.09 -26.73 -10.36
C GLY D 14 -5.75 -26.78 -11.84
N ILE D 15 -5.34 -27.93 -12.34
CA ILE D 15 -5.14 -28.15 -13.78
C ILE D 15 -6.49 -28.64 -14.34
N ILE D 16 -7.00 -27.97 -15.36
CA ILE D 16 -8.24 -28.44 -16.00
C ILE D 16 -8.07 -28.54 -17.50
N THR D 17 -7.12 -27.76 -18.03
CA THR D 17 -6.79 -27.79 -19.45
C THR D 17 -5.32 -27.45 -19.59
N ASP D 18 -4.79 -27.59 -20.81
CA ASP D 18 -3.39 -27.30 -21.09
C ASP D 18 -3.16 -25.80 -21.18
N SER D 19 -4.21 -25.01 -20.97
CA SER D 19 -4.10 -23.54 -20.99
C SER D 19 -4.11 -23.03 -19.54
N SER D 20 -4.54 -23.90 -18.63
CA SER D 20 -4.54 -23.61 -17.18
C SER D 20 -3.15 -23.18 -16.77
N ILE D 21 -3.07 -22.14 -15.94
CA ILE D 21 -1.79 -21.66 -15.44
C ILE D 21 -1.09 -22.80 -14.72
N ALA D 22 -1.85 -23.57 -13.93
CA ALA D 22 -1.33 -24.71 -13.15
C ALA D 22 -0.60 -25.68 -14.04
N PHE D 23 -1.14 -25.89 -15.25
CA PHE D 23 -0.52 -26.80 -16.19
C PHE D 23 0.92 -26.45 -16.48
N HIS D 24 1.18 -25.18 -16.81
CA HIS D 24 2.55 -24.73 -17.10
C HIS D 24 3.47 -24.75 -15.87
N ILE D 25 2.91 -24.44 -14.69
CA ILE D 25 3.66 -24.57 -13.45
C ILE D 25 4.20 -26.00 -13.36
N ALA D 26 3.26 -26.93 -13.46
CA ALA D 26 3.58 -28.34 -13.36
C ALA D 26 4.63 -28.72 -14.44
N ARG D 27 4.47 -28.18 -15.65
CA ARG D 27 5.44 -28.48 -16.69
C ARG D 27 6.84 -27.96 -16.32
N VAL D 28 6.95 -26.68 -16.00
CA VAL D 28 8.25 -26.07 -15.67
C VAL D 28 8.87 -26.72 -14.43
N ALA D 29 8.02 -27.08 -13.48
CA ALA D 29 8.50 -27.80 -12.30
C ALA D 29 9.18 -29.09 -12.78
N GLN D 30 8.48 -29.84 -13.64
CA GLN D 30 9.02 -31.10 -14.17
C GLN D 30 10.28 -30.89 -15.00
N GLU D 31 10.24 -29.90 -15.91
CA GLU D 31 11.40 -29.49 -16.69
C GLU D 31 12.58 -29.27 -15.76
N GLN D 32 12.28 -28.91 -14.52
CA GLN D 32 13.26 -28.46 -13.57
C GLN D 32 13.57 -29.46 -12.43
N GLY D 33 13.15 -30.72 -12.59
CA GLY D 33 13.65 -31.79 -11.74
C GLY D 33 12.75 -32.09 -10.56
N ALA D 34 11.52 -31.59 -10.62
CA ALA D 34 10.59 -31.83 -9.53
C ALA D 34 9.91 -33.17 -9.75
N GLN D 35 9.29 -33.69 -8.69
CA GLN D 35 8.52 -34.92 -8.78
C GLN D 35 7.12 -34.59 -8.29
N LEU D 36 6.14 -34.64 -9.17
CA LEU D 36 4.87 -34.00 -8.84
C LEU D 36 3.84 -34.96 -8.32
N VAL D 37 2.81 -34.36 -7.75
CA VAL D 37 1.58 -35.05 -7.40
C VAL D 37 0.45 -34.13 -7.81
N LEU D 38 -0.49 -34.62 -8.60
CA LEU D 38 -1.52 -33.74 -9.13
C LEU D 38 -2.87 -33.97 -8.46
N THR D 39 -3.61 -32.88 -8.31
CA THR D 39 -4.99 -32.96 -7.86
C THR D 39 -5.91 -32.48 -8.96
N GLY D 40 -7.11 -33.04 -8.95
CA GLY D 40 -8.15 -32.81 -9.94
C GLY D 40 -9.45 -32.64 -9.19
N PHE D 41 -10.45 -32.14 -9.88
CA PHE D 41 -11.67 -31.82 -9.18
C PHE D 41 -12.94 -32.56 -9.57
N ASP D 42 -13.39 -32.46 -10.82
CA ASP D 42 -14.56 -33.23 -11.19
C ASP D 42 -14.30 -34.29 -12.25
N ARG D 43 -13.95 -33.82 -13.43
CA ARG D 43 -13.76 -34.65 -14.60
C ARG D 43 -12.32 -35.15 -14.72
N LEU D 44 -11.94 -35.95 -13.73
CA LEU D 44 -10.59 -36.46 -13.55
C LEU D 44 -10.14 -37.25 -14.75
N ARG D 45 -11.02 -38.13 -15.23
CA ARG D 45 -10.70 -38.94 -16.38
C ARG D 45 -10.36 -37.98 -17.51
N LEU D 46 -11.17 -36.93 -17.67
CA LEU D 46 -10.87 -35.88 -18.66
C LEU D 46 -9.56 -35.17 -18.31
N ILE D 47 -9.37 -34.83 -17.04
CA ILE D 47 -8.14 -34.15 -16.59
C ILE D 47 -6.88 -35.02 -16.83
N GLN D 48 -6.99 -36.27 -16.39
CA GLN D 48 -5.94 -37.30 -16.52
C GLN D 48 -5.49 -37.34 -17.98
N ARG D 49 -6.48 -37.23 -18.85
CA ARG D 49 -6.24 -37.17 -20.28
C ARG D 49 -5.30 -36.00 -20.62
N ILE D 50 -5.44 -34.86 -19.92
CA ILE D 50 -4.61 -33.69 -20.17
C ILE D 50 -3.20 -33.79 -19.61
N THR D 51 -3.10 -34.29 -18.37
CA THR D 51 -1.83 -34.31 -17.64
C THR D 51 -0.81 -35.33 -18.20
N ASP D 52 -1.29 -36.23 -19.07
CA ASP D 52 -0.50 -37.24 -19.78
C ASP D 52 0.42 -36.53 -20.77
N ARG D 53 -0.06 -35.38 -21.22
CA ARG D 53 0.65 -34.51 -22.14
C ARG D 53 1.84 -33.80 -21.49
N LEU D 54 1.94 -33.94 -20.16
CA LEU D 54 3.06 -33.40 -19.41
C LEU D 54 4.33 -34.23 -19.62
N PRO D 55 5.51 -33.58 -19.51
CA PRO D 55 6.82 -34.22 -19.73
C PRO D 55 7.10 -35.42 -18.80
N ALA D 56 6.39 -35.55 -17.68
CA ALA D 56 6.53 -36.73 -16.81
C ALA D 56 5.20 -37.20 -16.25
N LYS D 57 5.13 -38.49 -15.93
CA LYS D 57 3.97 -39.06 -15.29
C LYS D 57 3.86 -38.53 -13.86
N ALA D 58 2.63 -38.41 -13.35
CA ALA D 58 2.42 -37.98 -11.97
C ALA D 58 1.05 -38.46 -11.45
N PRO D 59 1.02 -38.88 -10.18
CA PRO D 59 -0.24 -39.36 -9.57
C PRO D 59 -1.30 -38.26 -9.62
N LEU D 60 -2.52 -38.62 -9.99
CA LEU D 60 -3.60 -37.66 -9.99
C LEU D 60 -4.63 -38.03 -8.91
N LEU D 61 -4.93 -37.06 -8.04
CA LEU D 61 -5.87 -37.25 -6.94
C LEU D 61 -7.08 -36.34 -7.03
N GLU D 62 -8.20 -36.86 -6.56
CA GLU D 62 -9.41 -36.08 -6.63
C GLU D 62 -9.40 -35.15 -5.42
N LEU D 63 -9.74 -33.88 -5.66
CA LEU D 63 -9.84 -32.92 -4.59
C LEU D 63 -10.90 -31.85 -4.88
N ASP D 64 -12.09 -32.07 -4.32
CA ASP D 64 -13.11 -31.06 -4.28
C ASP D 64 -12.88 -30.36 -2.96
N VAL D 65 -12.33 -29.16 -3.06
CA VAL D 65 -11.95 -28.34 -1.92
C VAL D 65 -13.13 -28.12 -0.96
N GLN D 66 -14.35 -28.20 -1.50
CA GLN D 66 -15.55 -28.01 -0.67
C GLN D 66 -15.98 -29.26 0.11
N ASN D 67 -15.34 -30.40 -0.17
CA ASN D 67 -15.61 -31.66 0.52
C ASN D 67 -14.69 -31.91 1.71
N GLU D 68 -15.24 -31.83 2.91
CA GLU D 68 -14.44 -32.04 4.12
C GLU D 68 -13.72 -33.37 4.16
N GLU D 69 -14.38 -34.42 3.67
CA GLU D 69 -13.80 -35.75 3.70
C GLU D 69 -12.54 -35.78 2.79
N HIS D 70 -12.60 -35.17 1.61
CA HIS D 70 -11.47 -35.15 0.68
C HIS D 70 -10.26 -34.52 1.33
N LEU D 71 -10.54 -33.51 2.13
CA LEU D 71 -9.51 -32.75 2.81
C LEU D 71 -8.89 -33.57 3.93
N ALA D 72 -9.72 -34.15 4.80
CA ALA D 72 -9.22 -34.95 5.91
C ALA D 72 -8.37 -36.12 5.39
N SER D 73 -8.89 -36.81 4.36
CA SER D 73 -8.20 -37.99 3.81
C SER D 73 -6.92 -37.68 3.02
N LEU D 74 -6.81 -36.43 2.56
CA LEU D 74 -5.83 -36.03 1.52
C LEU D 74 -4.33 -36.32 1.82
N ALA D 75 -3.83 -35.92 2.99
CA ALA D 75 -2.43 -36.15 3.34
C ALA D 75 -2.09 -37.65 3.35
N GLY D 76 -3.00 -38.46 3.92
CA GLY D 76 -2.90 -39.91 3.87
C GLY D 76 -2.77 -40.33 2.42
N ARG D 77 -3.77 -39.95 1.59
CA ARG D 77 -3.79 -40.28 0.17
C ARG D 77 -2.51 -39.80 -0.54
N VAL D 78 -2.01 -38.65 -0.10
CA VAL D 78 -0.78 -38.07 -0.62
C VAL D 78 0.47 -38.86 -0.18
N THR D 79 0.53 -39.23 1.10
CA THR D 79 1.75 -39.87 1.58
C THR D 79 1.93 -41.23 0.87
N GLU D 80 0.83 -41.98 0.77
CA GLU D 80 0.76 -43.23 0.01
C GLU D 80 1.36 -43.11 -1.38
N ALA D 81 1.11 -41.97 -2.02
CA ALA D 81 1.50 -41.75 -3.39
C ALA D 81 2.99 -41.41 -3.50
N ILE D 82 3.62 -40.96 -2.40
CA ILE D 82 5.01 -40.56 -2.49
C ILE D 82 6.00 -41.44 -1.68
N GLY D 83 5.44 -42.31 -0.84
CA GLY D 83 6.25 -43.23 -0.03
C GLY D 83 6.43 -42.74 1.39
N ALA D 84 6.17 -43.61 2.39
CA ALA D 84 6.35 -43.21 3.78
C ALA D 84 7.80 -42.82 4.06
N GLY D 85 7.97 -41.90 5.02
CA GLY D 85 9.25 -41.30 5.39
C GLY D 85 9.67 -40.24 4.38
N ASN D 86 8.76 -39.96 3.45
CA ASN D 86 8.90 -38.83 2.55
C ASN D 86 7.79 -37.80 2.73
N LYS D 87 8.17 -36.53 2.63
CA LYS D 87 7.22 -35.43 2.71
C LYS D 87 7.35 -34.49 1.54
N LEU D 88 6.33 -33.64 1.42
CA LEU D 88 6.28 -32.65 0.37
C LEU D 88 7.22 -31.51 0.69
N ASP D 89 7.80 -30.93 -0.37
CA ASP D 89 8.67 -29.77 -0.27
C ASP D 89 7.98 -28.50 -0.78
N GLY D 90 6.95 -28.67 -1.60
CA GLY D 90 6.24 -27.55 -2.18
C GLY D 90 4.77 -27.86 -2.37
N VAL D 91 3.92 -26.84 -2.31
CA VAL D 91 2.50 -27.01 -2.58
C VAL D 91 2.03 -25.84 -3.41
N VAL D 92 1.25 -26.10 -4.46
CA VAL D 92 0.77 -25.01 -5.29
C VAL D 92 -0.76 -25.00 -5.30
N HIS D 93 -1.34 -23.87 -4.89
CA HIS D 93 -2.78 -23.68 -4.89
C HIS D 93 -3.15 -22.86 -6.13
N SER D 94 -3.72 -23.52 -7.14
CA SER D 94 -4.14 -22.79 -8.33
C SER D 94 -5.63 -23.06 -8.54
N ILE D 95 -6.42 -22.61 -7.57
CA ILE D 95 -7.84 -22.90 -7.52
C ILE D 95 -8.64 -21.62 -7.35
N GLY D 96 -9.63 -21.44 -8.22
CA GLY D 96 -10.51 -20.31 -8.14
C GLY D 96 -11.83 -20.56 -8.82
N PHE D 97 -12.86 -19.92 -8.29
CA PHE D 97 -14.16 -19.96 -8.91
C PHE D 97 -15.12 -18.85 -8.47
N MET D 98 -15.87 -18.34 -9.42
CA MET D 98 -16.88 -17.36 -9.08
C MET D 98 -18.03 -17.42 -10.05
N PRO D 99 -19.24 -17.68 -9.54
CA PRO D 99 -20.49 -17.64 -10.32
C PRO D 99 -20.64 -16.34 -11.12
N GLN D 100 -21.20 -16.48 -12.32
CA GLN D 100 -21.36 -15.35 -13.25
C GLN D 100 -22.25 -14.27 -12.65
N THR D 101 -22.94 -14.61 -11.57
CA THR D 101 -23.77 -13.63 -10.92
C THR D 101 -22.89 -12.65 -10.12
N GLY D 102 -21.70 -13.12 -9.74
CA GLY D 102 -20.79 -12.32 -8.94
C GLY D 102 -19.60 -11.83 -9.77
N MET D 103 -19.62 -12.14 -11.05
CA MET D 103 -18.52 -11.77 -11.94
C MET D 103 -19.03 -11.57 -13.36
N GLY D 104 -18.43 -10.67 -14.12
CA GLY D 104 -18.89 -10.42 -15.48
C GLY D 104 -19.90 -9.30 -15.66
N ILE D 105 -21.05 -9.65 -16.25
CA ILE D 105 -22.05 -8.66 -16.67
C ILE D 105 -23.17 -8.42 -15.65
N ASN D 106 -23.37 -9.37 -14.74
CA ASN D 106 -24.40 -9.15 -13.75
C ASN D 106 -23.99 -7.97 -12.88
N PRO D 107 -24.92 -7.03 -12.64
CA PRO D 107 -24.63 -5.88 -11.81
C PRO D 107 -24.09 -6.34 -10.43
N PHE D 108 -23.25 -5.48 -9.86
CA PHE D 108 -22.57 -5.78 -8.63
C PHE D 108 -23.56 -6.09 -7.49
N PHE D 109 -24.63 -5.30 -7.42
CA PHE D 109 -25.57 -5.44 -6.32
C PHE D 109 -26.48 -6.69 -6.43
N ASP D 110 -26.46 -7.35 -7.59
CA ASP D 110 -27.43 -8.42 -7.84
C ASP D 110 -26.85 -9.80 -7.57
N ALA D 111 -25.65 -9.86 -7.00
CA ALA D 111 -25.06 -11.16 -6.67
C ALA D 111 -25.56 -11.60 -5.30
N PRO D 112 -26.21 -12.76 -5.25
CA PRO D 112 -26.72 -13.40 -4.03
C PRO D 112 -25.60 -14.03 -3.19
N TYR D 113 -25.63 -13.79 -1.87
CA TYR D 113 -24.52 -14.20 -1.00
C TYR D 113 -24.19 -15.70 -1.07
N ALA D 114 -25.17 -16.50 -1.47
CA ALA D 114 -24.98 -17.94 -1.60
C ALA D 114 -23.95 -18.22 -2.69
N ASP D 115 -24.02 -17.43 -3.79
CA ASP D 115 -23.05 -17.54 -4.90
C ASP D 115 -21.68 -16.98 -4.47
N VAL D 116 -21.71 -15.79 -3.85
CA VAL D 116 -20.48 -15.21 -3.32
C VAL D 116 -19.82 -16.13 -2.30
N SER D 117 -20.59 -16.66 -1.34
CA SER D 117 -20.04 -17.51 -0.30
C SER D 117 -19.38 -18.75 -0.95
N LYS D 118 -19.94 -19.21 -2.06
CA LYS D 118 -19.31 -20.33 -2.74
C LYS D 118 -17.95 -19.96 -3.36
N GLY D 119 -17.91 -18.80 -4.03
CA GLY D 119 -16.71 -18.28 -4.68
C GLY D 119 -15.63 -18.03 -3.63
N ILE D 120 -16.00 -17.41 -2.51
CA ILE D 120 -15.03 -17.18 -1.46
C ILE D 120 -14.54 -18.50 -0.89
N HIS D 121 -15.46 -19.43 -0.62
CA HIS D 121 -15.12 -20.76 -0.13
C HIS D 121 -14.01 -21.37 -1.03
N ILE D 122 -14.22 -21.35 -2.33
CA ILE D 122 -13.30 -22.02 -3.23
C ILE D 122 -12.02 -21.21 -3.44
N SER D 123 -12.15 -19.88 -3.48
CA SER D 123 -11.05 -18.99 -3.91
C SER D 123 -10.15 -18.43 -2.77
N ALA D 124 -10.70 -18.38 -1.56
CA ALA D 124 -9.96 -17.80 -0.43
C ALA D 124 -9.74 -18.84 0.67
N TYR D 125 -10.82 -19.28 1.32
CA TYR D 125 -10.78 -20.26 2.42
C TYR D 125 -9.93 -21.50 2.07
N SER D 126 -10.09 -21.95 0.81
CA SER D 126 -9.43 -23.12 0.29
C SER D 126 -7.92 -23.09 0.53
N TYR D 127 -7.33 -21.90 0.50
CA TYR D 127 -5.90 -21.76 0.69
C TYR D 127 -5.49 -22.23 2.12
N ALA D 128 -6.30 -21.86 3.12
CA ALA D 128 -6.08 -22.30 4.51
C ALA D 128 -6.36 -23.81 4.63
N SER D 129 -7.54 -24.24 4.18
CA SER D 129 -7.87 -25.65 4.31
C SER D 129 -6.90 -26.55 3.53
N MET D 130 -6.33 -26.10 2.42
CA MET D 130 -5.26 -26.89 1.80
C MET D 130 -4.03 -26.92 2.65
N ALA D 131 -3.67 -25.76 3.18
CA ALA D 131 -2.52 -25.62 4.05
C ALA D 131 -2.68 -26.42 5.37
N LYS D 132 -3.90 -26.43 5.94
CA LYS D 132 -4.17 -27.20 7.17
C LYS D 132 -3.92 -28.69 6.95
N ALA D 133 -4.41 -29.16 5.81
CA ALA D 133 -4.26 -30.56 5.39
C ALA D 133 -2.81 -31.00 5.14
N LEU D 134 -2.01 -30.13 4.53
CA LEU D 134 -0.72 -30.55 3.96
C LEU D 134 0.53 -30.24 4.77
N LEU D 135 0.45 -29.21 5.61
CA LEU D 135 1.60 -28.78 6.44
C LEU D 135 2.22 -29.93 7.27
N PRO D 136 1.38 -30.83 7.86
CA PRO D 136 1.98 -31.93 8.62
C PRO D 136 2.92 -32.79 7.78
N ILE D 137 2.73 -32.78 6.47
CA ILE D 137 3.57 -33.59 5.59
C ILE D 137 4.43 -32.72 4.70
N MET D 138 4.80 -31.55 5.21
CA MET D 138 5.73 -30.68 4.49
C MET D 138 7.04 -30.61 5.24
N ASN D 139 8.12 -30.62 4.49
CA ASN D 139 9.46 -30.52 5.05
C ASN D 139 9.85 -29.10 5.35
N PRO D 140 10.50 -28.90 6.48
CA PRO D 140 11.15 -27.63 6.79
C PRO D 140 11.96 -27.16 5.59
N GLY D 141 11.84 -25.88 5.27
CA GLY D 141 12.46 -25.28 4.10
C GLY D 141 11.45 -25.14 3.00
N GLY D 142 10.26 -25.70 3.22
CA GLY D 142 9.25 -25.75 2.19
C GLY D 142 8.53 -24.46 1.82
N SER D 143 7.75 -24.53 0.74
CA SER D 143 7.07 -23.37 0.17
C SER D 143 5.64 -23.70 -0.28
N ILE D 144 4.73 -22.80 0.04
CA ILE D 144 3.38 -22.81 -0.50
C ILE D 144 3.16 -21.55 -1.31
N VAL D 145 2.67 -21.73 -2.54
CA VAL D 145 2.40 -20.63 -3.44
C VAL D 145 0.93 -20.64 -3.85
N GLY D 146 0.30 -19.47 -3.78
CA GLY D 146 -1.07 -19.33 -4.25
C GLY D 146 -1.10 -18.37 -5.42
N MET D 147 -2.21 -18.39 -6.14
CA MET D 147 -2.33 -17.53 -7.32
C MET D 147 -3.24 -16.35 -7.00
N ASP D 148 -2.75 -15.13 -7.26
CA ASP D 148 -3.47 -13.91 -6.92
C ASP D 148 -3.74 -13.08 -8.16
N PHE D 149 -4.77 -12.24 -8.09
CA PHE D 149 -4.95 -11.21 -9.09
C PHE D 149 -5.16 -9.90 -8.37
N ASP D 150 -4.28 -8.91 -8.58
CA ASP D 150 -4.24 -7.73 -7.72
C ASP D 150 -5.62 -7.09 -7.55
N PRO D 151 -6.14 -7.13 -6.34
CA PRO D 151 -7.46 -6.61 -5.96
C PRO D 151 -7.36 -5.28 -5.20
N SER D 152 -6.18 -4.65 -5.20
CA SER D 152 -5.99 -3.43 -4.39
C SER D 152 -6.81 -2.27 -4.91
N ARG D 153 -7.21 -2.34 -6.18
CA ARG D 153 -8.14 -1.35 -6.74
C ARG D 153 -9.28 -2.10 -7.43
N ALA D 154 -10.46 -1.49 -7.42
CA ALA D 154 -11.63 -2.12 -7.99
C ALA D 154 -11.50 -2.03 -9.48
N MET D 155 -11.94 -3.07 -10.18
CA MET D 155 -11.92 -3.06 -11.63
C MET D 155 -13.29 -3.52 -12.12
N PRO D 156 -13.64 -3.20 -13.37
CA PRO D 156 -15.05 -3.33 -13.81
C PRO D 156 -15.64 -4.73 -13.83
N ALA D 157 -15.06 -5.71 -14.50
CA ALA D 157 -15.81 -6.95 -14.68
C ALA D 157 -15.63 -7.89 -13.49
N TYR D 158 -14.42 -7.95 -12.93
CA TYR D 158 -14.07 -8.98 -11.94
C TYR D 158 -14.92 -8.98 -10.65
N ASN D 159 -15.38 -7.79 -10.24
CA ASN D 159 -16.39 -7.70 -9.17
C ASN D 159 -16.04 -8.53 -7.95
N TRP D 160 -16.93 -9.48 -7.62
CA TRP D 160 -16.77 -10.39 -6.46
C TRP D 160 -15.57 -11.36 -6.49
N MET D 161 -14.99 -11.63 -7.67
CA MET D 161 -13.73 -12.37 -7.69
C MET D 161 -12.62 -11.49 -7.08
N THR D 162 -12.65 -10.20 -7.45
CA THR D 162 -11.75 -9.22 -6.88
C THR D 162 -11.89 -9.19 -5.35
N VAL D 163 -13.14 -9.16 -4.86
CA VAL D 163 -13.38 -9.18 -3.42
C VAL D 163 -12.83 -10.46 -2.83
N ALA D 164 -13.07 -11.58 -3.49
CA ALA D 164 -12.50 -12.86 -3.04
C ALA D 164 -10.95 -12.78 -2.99
N LYS D 165 -10.32 -12.17 -4.01
CA LYS D 165 -8.86 -12.08 -4.02
C LYS D 165 -8.31 -11.22 -2.88
N SER D 166 -9.07 -10.18 -2.50
CA SER D 166 -8.65 -9.37 -1.36
C SER D 166 -8.60 -10.27 -0.12
N ALA D 167 -9.66 -11.07 0.09
CA ALA D 167 -9.71 -12.02 1.20
C ALA D 167 -8.56 -13.02 1.12
N LEU D 168 -8.30 -13.56 -0.07
CA LEU D 168 -7.24 -14.53 -0.22
C LEU D 168 -5.92 -13.90 0.24
N GLU D 169 -5.70 -12.63 -0.12
CA GLU D 169 -4.50 -11.94 0.27
C GLU D 169 -4.39 -11.88 1.79
N SER D 170 -5.50 -11.52 2.44
CA SER D 170 -5.51 -11.48 3.91
C SER D 170 -5.21 -12.85 4.48
N VAL D 171 -5.84 -13.89 3.93
CA VAL D 171 -5.67 -15.26 4.39
C VAL D 171 -4.22 -15.76 4.29
N ASN D 172 -3.54 -15.42 3.21
CA ASN D 172 -2.15 -15.84 2.98
C ASN D 172 -1.27 -15.39 4.17
N ARG D 173 -1.53 -14.17 4.62
CA ARG D 173 -0.80 -13.62 5.73
C ARG D 173 -0.98 -14.46 7.00
N PHE D 174 -2.19 -14.93 7.26
CA PHE D 174 -2.40 -15.74 8.45
C PHE D 174 -1.82 -17.13 8.31
N VAL D 175 -1.91 -17.66 7.08
CA VAL D 175 -1.35 -18.96 6.76
C VAL D 175 0.17 -18.92 6.97
N ALA D 176 0.80 -17.77 6.66
CA ALA D 176 2.24 -17.69 6.83
C ALA D 176 2.58 -17.83 8.31
N ARG D 177 1.70 -17.35 9.17
CA ARG D 177 1.92 -17.46 10.61
C ARG D 177 1.98 -18.90 11.05
N GLU D 178 1.02 -19.70 10.61
CA GLU D 178 0.94 -21.11 10.97
C GLU D 178 2.09 -21.89 10.33
N ALA D 179 2.32 -21.62 9.04
CA ALA D 179 3.35 -22.27 8.25
C ALA D 179 4.73 -22.05 8.83
N GLY D 180 4.85 -20.97 9.61
CA GLY D 180 6.13 -20.58 10.14
C GLY D 180 6.61 -21.59 11.15
N LYS D 181 5.64 -22.18 11.84
CA LYS D 181 5.92 -23.20 12.84
C LYS D 181 6.61 -24.44 12.23
N TYR D 182 6.34 -24.68 10.95
CA TYR D 182 6.91 -25.83 10.27
C TYR D 182 8.12 -25.43 9.43
N GLY D 183 8.50 -24.15 9.52
CA GLY D 183 9.60 -23.63 8.73
C GLY D 183 9.22 -23.50 7.28
N VAL D 184 7.93 -23.30 7.02
CA VAL D 184 7.42 -23.25 5.65
C VAL D 184 6.96 -21.87 5.26
N ARG D 185 7.33 -21.44 4.06
CA ARG D 185 6.92 -20.15 3.54
C ARG D 185 5.56 -20.23 2.87
N SER D 186 4.84 -19.11 2.87
CA SER D 186 3.55 -19.00 2.17
C SER D 186 3.43 -17.67 1.46
N ASN D 187 3.20 -17.71 0.14
CA ASN D 187 3.17 -16.51 -0.69
C ASN D 187 2.17 -16.59 -1.81
N LEU D 188 1.79 -15.45 -2.34
CA LEU D 188 0.91 -15.46 -3.49
C LEU D 188 1.68 -14.91 -4.68
N VAL D 189 1.40 -15.43 -5.87
CA VAL D 189 1.87 -14.76 -7.08
C VAL D 189 0.68 -14.08 -7.71
N ALA D 190 0.79 -12.75 -7.83
CA ALA D 190 -0.20 -11.93 -8.49
C ALA D 190 0.22 -11.84 -9.95
N ALA D 191 -0.53 -12.55 -10.80
CA ALA D 191 -0.24 -12.62 -12.22
C ALA D 191 -1.08 -11.59 -12.93
N GLY D 192 -0.58 -11.12 -14.06
CA GLY D 192 -1.41 -10.33 -14.95
C GLY D 192 -2.35 -11.28 -15.68
N PRO D 193 -3.28 -10.73 -16.45
CA PRO D 193 -4.30 -11.57 -17.08
C PRO D 193 -3.70 -12.58 -18.07
N ILE D 194 -4.24 -13.81 -18.06
CA ILE D 194 -3.80 -14.91 -18.94
C ILE D 194 -5.00 -15.45 -19.74
N ARG D 195 -4.77 -15.67 -21.03
CA ARG D 195 -5.82 -16.18 -21.89
C ARG D 195 -6.16 -17.65 -21.57
N THR D 196 -6.72 -17.92 -20.39
CA THR D 196 -7.29 -19.23 -20.09
C THR D 196 -8.74 -19.21 -20.55
N LEU D 197 -9.33 -20.40 -20.67
CA LEU D 197 -10.63 -20.55 -21.33
C LEU D 197 -11.71 -19.55 -20.89
N ALA D 198 -11.88 -19.34 -19.58
CA ALA D 198 -12.85 -18.38 -19.10
C ALA D 198 -12.54 -16.98 -19.67
N MET D 199 -11.25 -16.61 -19.66
CA MET D 199 -10.78 -15.35 -20.25
C MET D 199 -10.94 -15.36 -21.78
N SER D 200 -10.53 -16.48 -22.36
CA SER D 200 -10.61 -16.73 -23.81
C SER D 200 -12.06 -16.67 -24.28
N ALA D 201 -12.97 -17.20 -23.46
CA ALA D 201 -14.38 -17.21 -23.80
C ALA D 201 -14.90 -15.78 -23.97
N ILE D 202 -14.59 -14.90 -23.01
CA ILE D 202 -15.13 -13.53 -23.06
C ILE D 202 -14.48 -12.61 -24.10
N VAL D 203 -13.17 -12.78 -24.34
CA VAL D 203 -12.50 -12.05 -25.42
C VAL D 203 -13.05 -12.55 -26.78
N GLY D 204 -13.41 -13.85 -26.84
CA GLY D 204 -14.02 -14.46 -28.03
C GLY D 204 -15.40 -13.94 -28.38
N GLY D 205 -16.04 -13.35 -27.38
CA GLY D 205 -17.36 -12.77 -27.53
C GLY D 205 -18.45 -13.44 -26.77
N ALA D 206 -18.10 -14.43 -25.95
CA ALA D 206 -19.08 -15.12 -25.15
C ALA D 206 -19.58 -14.01 -24.23
N LEU D 207 -20.89 -14.03 -23.93
CA LEU D 207 -21.50 -13.02 -23.07
C LEU D 207 -21.49 -11.62 -23.67
N GLY D 208 -21.31 -11.48 -24.99
CA GLY D 208 -21.40 -10.22 -25.70
C GLY D 208 -20.13 -9.62 -26.20
N GLU D 209 -20.25 -8.65 -27.11
CA GLU D 209 -19.13 -7.94 -27.70
C GLU D 209 -18.54 -6.89 -26.71
N GLU D 210 -19.42 -6.26 -25.92
CA GLU D 210 -19.06 -5.14 -25.04
C GLU D 210 -18.17 -5.63 -23.92
N ALA D 211 -18.48 -6.85 -23.43
CA ALA D 211 -17.73 -7.43 -22.35
C ALA D 211 -16.37 -7.84 -22.87
N GLY D 212 -16.29 -8.19 -24.15
CA GLY D 212 -15.03 -8.63 -24.70
C GLY D 212 -14.11 -7.46 -25.01
N ALA D 213 -14.72 -6.31 -25.29
CA ALA D 213 -13.98 -5.08 -25.58
C ALA D 213 -13.53 -4.46 -24.26
N GLN D 214 -14.36 -4.62 -23.22
CA GLN D 214 -13.96 -4.15 -21.90
C GLN D 214 -12.69 -4.91 -21.49
N ILE D 215 -12.73 -6.23 -21.66
CA ILE D 215 -11.60 -7.08 -21.31
C ILE D 215 -10.41 -6.77 -22.17
N GLN D 216 -10.60 -6.62 -23.48
CA GLN D 216 -9.47 -6.31 -24.34
C GLN D 216 -8.88 -4.96 -23.96
N LEU D 217 -9.73 -4.06 -23.45
CA LEU D 217 -9.28 -2.74 -23.01
C LEU D 217 -8.40 -2.91 -21.78
N LEU D 218 -8.80 -3.86 -20.94
CA LEU D 218 -8.07 -4.20 -19.73
C LEU D 218 -6.72 -4.85 -20.13
N GLU D 219 -6.75 -5.80 -21.06
CA GLU D 219 -5.52 -6.47 -21.51
C GLU D 219 -4.61 -5.49 -22.20
N GLU D 220 -5.17 -4.63 -23.05
CA GLU D 220 -4.37 -3.64 -23.76
C GLU D 220 -3.63 -2.74 -22.78
N GLY D 221 -4.35 -2.27 -21.75
CA GLY D 221 -3.77 -1.35 -20.78
C GLY D 221 -2.61 -2.00 -20.05
N TRP D 222 -2.77 -3.29 -19.78
CA TRP D 222 -1.74 -4.04 -19.10
C TRP D 222 -0.40 -4.03 -19.84
N ASP D 223 -0.43 -4.46 -21.10
CA ASP D 223 0.80 -4.57 -21.89
C ASP D 223 1.39 -3.18 -22.11
N GLN D 224 0.50 -2.20 -22.13
CA GLN D 224 0.96 -0.83 -22.29
C GLN D 224 1.73 -0.35 -21.09
N ARG D 225 1.08 -0.43 -19.93
CA ARG D 225 1.67 -0.03 -18.66
C ARG D 225 2.95 -0.80 -18.29
N ALA D 226 2.94 -2.12 -18.53
CA ALA D 226 4.10 -2.99 -18.25
C ALA D 226 5.32 -2.53 -19.05
N PRO D 227 6.34 -2.02 -18.35
CA PRO D 227 7.57 -1.53 -18.98
C PRO D 227 8.29 -2.65 -19.75
N ILE D 228 7.96 -3.92 -19.49
CA ILE D 228 8.53 -5.02 -20.30
C ILE D 228 7.41 -5.78 -21.03
N GLY D 229 6.28 -5.10 -21.16
CA GLY D 229 5.14 -5.66 -21.85
C GLY D 229 4.50 -6.83 -21.11
N TRP D 230 3.32 -7.19 -21.59
CA TRP D 230 2.55 -8.28 -21.00
C TRP D 230 1.88 -9.05 -22.12
N ASN D 231 2.14 -10.36 -22.13
CA ASN D 231 1.58 -11.24 -23.15
C ASN D 231 0.50 -12.20 -22.60
N MET D 232 -0.78 -11.84 -22.77
CA MET D 232 -1.92 -12.63 -22.24
C MET D 232 -1.84 -14.08 -22.64
N LYS D 233 -1.06 -14.34 -23.69
CA LYS D 233 -1.01 -15.63 -24.34
C LYS D 233 0.10 -16.54 -23.82
N ASP D 234 1.06 -15.96 -23.09
CA ASP D 234 2.18 -16.72 -22.53
C ASP D 234 2.08 -16.86 -21.01
N ALA D 235 1.75 -18.06 -20.52
CA ALA D 235 1.57 -18.28 -19.09
C ALA D 235 2.89 -18.76 -18.45
N THR D 236 3.94 -18.87 -19.28
CA THR D 236 5.23 -19.37 -18.83
C THR D 236 5.96 -18.46 -17.80
N PRO D 237 6.01 -17.11 -18.03
CA PRO D 237 6.69 -16.18 -17.08
C PRO D 237 6.08 -16.24 -15.69
N VAL D 238 4.77 -16.39 -15.61
CA VAL D 238 4.18 -16.51 -14.29
C VAL D 238 4.57 -17.88 -13.66
N ALA D 239 4.57 -18.95 -14.46
CA ALA D 239 4.96 -20.28 -13.97
C ALA D 239 6.43 -20.29 -13.50
N LYS D 240 7.30 -19.59 -14.22
CA LYS D 240 8.67 -19.49 -13.74
C LYS D 240 8.74 -18.80 -12.35
N THR D 241 7.97 -17.73 -12.19
CA THR D 241 7.89 -17.00 -10.93
C THR D 241 7.41 -17.92 -9.80
N VAL D 242 6.34 -18.68 -10.04
CA VAL D 242 5.81 -19.61 -9.04
C VAL D 242 6.91 -20.61 -8.64
N CYS D 243 7.66 -21.08 -9.62
CA CYS D 243 8.72 -22.06 -9.35
C CYS D 243 9.84 -21.47 -8.49
N ALA D 244 10.13 -20.19 -8.74
CA ALA D 244 11.13 -19.45 -7.99
C ALA D 244 10.76 -19.45 -6.49
N LEU D 245 9.50 -19.23 -6.18
CA LEU D 245 9.06 -19.29 -4.79
C LEU D 245 9.07 -20.74 -4.25
N LEU D 246 8.97 -21.72 -5.13
CA LEU D 246 9.04 -23.10 -4.67
C LEU D 246 10.47 -23.51 -4.39
N SER D 247 11.40 -22.76 -4.98
CA SER D 247 12.85 -23.02 -4.88
C SER D 247 13.39 -22.47 -3.57
N ASP D 248 14.71 -22.57 -3.39
CA ASP D 248 15.36 -22.12 -2.16
C ASP D 248 15.91 -20.68 -2.33
N TRP D 249 15.46 -19.97 -3.37
CA TRP D 249 16.00 -18.65 -3.72
C TRP D 249 15.22 -17.45 -3.22
N LEU D 250 14.07 -17.70 -2.61
CA LEU D 250 13.38 -16.69 -1.85
C LEU D 250 13.17 -17.20 -0.42
N PRO D 251 14.28 -17.48 0.32
CA PRO D 251 14.20 -18.19 1.59
C PRO D 251 13.70 -17.30 2.73
N ALA D 252 13.78 -15.97 2.54
CA ALA D 252 13.42 -14.99 3.57
C ALA D 252 12.12 -14.23 3.21
N THR D 253 11.30 -14.78 2.31
CA THR D 253 10.05 -14.13 1.87
C THR D 253 8.87 -14.99 2.21
N THR D 254 7.96 -14.47 3.02
CA THR D 254 6.72 -15.20 3.35
C THR D 254 5.58 -14.30 3.79
N GLY D 255 4.35 -14.80 3.66
CA GLY D 255 3.19 -13.95 3.90
C GLY D 255 3.09 -12.82 2.90
N ASP D 256 3.82 -12.95 1.78
CA ASP D 256 3.95 -11.84 0.83
C ASP D 256 3.25 -12.14 -0.50
N ILE D 257 3.27 -11.13 -1.36
CA ILE D 257 2.73 -11.22 -2.69
C ILE D 257 3.85 -10.84 -3.64
N ILE D 258 4.12 -11.72 -4.60
CA ILE D 258 5.08 -11.42 -5.64
C ILE D 258 4.34 -11.13 -6.95
N TYR D 259 4.60 -9.96 -7.54
CA TYR D 259 3.86 -9.52 -8.74
C TYR D 259 4.57 -9.97 -10.04
N ALA D 260 3.99 -11.00 -10.69
CA ALA D 260 4.37 -11.44 -12.04
C ALA D 260 3.39 -10.82 -13.07
N ASP D 261 3.48 -9.48 -13.25
CA ASP D 261 2.55 -8.78 -14.14
C ASP D 261 3.28 -7.90 -15.18
N GLY D 262 4.58 -8.08 -15.35
CA GLY D 262 5.29 -7.25 -16.30
C GLY D 262 5.52 -5.86 -15.75
N GLY D 263 5.17 -5.66 -14.48
CA GLY D 263 5.43 -4.41 -13.80
C GLY D 263 4.29 -3.45 -13.97
N ALA D 264 3.20 -3.98 -14.50
CA ALA D 264 2.04 -3.17 -14.74
C ALA D 264 1.61 -2.41 -13.48
N HIS D 265 1.69 -3.04 -12.31
CA HIS D 265 1.06 -2.43 -11.14
C HIS D 265 1.82 -1.26 -10.55
N THR D 266 2.96 -0.94 -11.16
CA THR D 266 3.87 0.07 -10.67
C THR D 266 3.77 1.34 -11.54
N GLN D 267 3.04 1.22 -12.64
CA GLN D 267 2.91 2.34 -13.57
C GLN D 267 1.45 2.78 -13.60
N LEU D 268 1.25 4.09 -13.70
CA LEU D 268 -0.07 4.67 -13.70
C LEU D 268 -0.60 4.59 -15.12
N LEU D 269 0.20 5.09 -16.07
CA LEU D 269 0.02 4.79 -17.50
C LEU D 269 1.31 4.99 -18.34
PA NAD E . 27.88 -0.82 3.68
O1A NAD E . 28.38 0.34 4.46
O2A NAD E . 28.69 -2.04 3.93
O5B NAD E . 27.87 -0.45 2.13
C5B NAD E . 27.39 0.82 1.77
C4B NAD E . 28.14 1.16 0.50
O4B NAD E . 27.82 2.44 -0.06
C3B NAD E . 29.61 1.12 0.85
O3B NAD E . 30.17 0.04 0.14
C2B NAD E . 30.16 2.46 0.39
O2B NAD E . 31.42 2.28 -0.24
C1B NAD E . 29.06 2.90 -0.59
N9A NAD E . 29.17 4.32 -0.92
C8A NAD E . 29.09 5.41 -0.09
N7A NAD E . 29.31 6.51 -0.87
C5A NAD E . 29.53 6.13 -2.14
C6A NAD E . 29.80 6.84 -3.30
N6A NAD E . 29.80 8.18 -3.31
N1A NAD E . 29.99 6.14 -4.46
C2A NAD E . 29.90 4.76 -4.49
N3A NAD E . 29.62 4.06 -3.34
C4A NAD E . 29.45 4.75 -2.18
O3 NAD E . 26.31 -0.94 4.00
PN NAD E . 25.40 -2.23 3.70
O1N NAD E . 24.71 -2.65 4.93
O2N NAD E . 26.14 -3.18 2.85
O5D NAD E . 24.25 -1.58 2.81
C5D NAD E . 24.47 -1.41 1.43
C4D NAD E . 23.10 -1.15 0.84
O4D NAD E . 22.09 -1.93 1.47
C3D NAD E . 22.67 0.27 1.08
O3D NAD E . 21.99 0.57 -0.11
C2D NAD E . 21.69 0.21 2.24
O2D NAD E . 20.76 1.27 2.12
C1D NAD E . 21.05 -1.15 2.01
N1N NAD E . 20.36 -1.79 3.17
C2N NAD E . 21.01 -2.11 4.34
C3N NAD E . 20.31 -2.72 5.36
C7N NAD E . 20.93 -2.99 6.71
O7N NAD E . 20.16 -2.75 7.87
N7N NAD E . 22.16 -3.47 6.82
C4N NAD E . 18.95 -3.03 5.22
C5N NAD E . 18.29 -2.74 4.05
C6N NAD E . 19.02 -2.12 3.04
C1 6KA F . 22.98 2.73 11.56
C2 6KA F . 23.33 4.03 12.11
C3 6KA F . 22.23 4.79 12.76
C4 6KA F . 20.97 4.22 12.82
C5 6KA F . 20.71 2.98 12.28
C6 6KA F . 21.70 2.24 11.66
C9 6KA F . 24.76 4.54 11.99
C11 6KA F . 24.41 7.05 11.41
C12 6KA F . 24.36 7.63 10.15
C13 6KA F . 24.55 6.60 9.23
C16 6KA F . 24.52 5.44 7.13
C18 6KA F . 24.36 3.28 5.93
C21 6KA F . 24.24 1.86 5.63
C22 6KA F . 24.47 1.74 4.13
C25 6KA F . 20.74 1.27 5.70
C26 6KA F . 21.04 0.57 6.86
F8 6KA F . 22.44 5.99 13.29
CL7 6KA F . 24.23 1.78 10.76
N10 6KA F . 24.61 5.73 11.19
N14 6KA F . 24.72 5.43 9.84
N15 6KA F . 24.60 6.55 7.89
N20 6KA F . 24.70 5.59 5.80
N19 6KA F . 24.61 4.34 5.11
S17 6KA F . 24.22 3.77 7.58
N23 6KA F . 22.88 1.41 6.04
C27 6KA F . 22.42 0.66 7.05
N24 6KA F . 21.84 1.79 5.15
C28 6KA F . 19.29 1.31 5.27
PA NAD G . 1.37 26.85 -7.92
O1A NAD G . 2.38 27.02 -9.00
O2A NAD G . 0.17 27.68 -8.14
O5B NAD G . 2.02 27.12 -6.49
C5B NAD G . 3.20 26.50 -6.06
C4B NAD G . 3.74 27.48 -5.04
O4B NAD G . 5.04 27.15 -4.58
C3B NAD G . 3.82 28.91 -5.56
O3B NAD G . 2.92 29.66 -4.76
C2B NAD G . 5.23 29.43 -5.27
O2B NAD G . 5.25 30.78 -4.81
C1B NAD G . 5.68 28.38 -4.25
N9A NAD G . 7.13 28.22 -4.20
C8A NAD G . 8.00 27.77 -5.15
N7A NAD G . 9.25 27.82 -4.62
C5A NAD G . 9.16 28.31 -3.36
C6A NAD G . 10.13 28.57 -2.40
N6A NAD G . 11.41 28.71 -2.76
N1A NAD G . 9.67 29.07 -1.19
C2A NAD G . 8.33 29.32 -0.94
N3A NAD G . 7.39 29.06 -1.91
C4A NAD G . 7.83 28.56 -3.09
O3 NAD G . 1.07 25.29 -7.75
PN NAD G . -0.36 24.64 -7.40
O1N NAD G . -0.78 23.94 -8.64
O2N NAD G . -1.26 25.60 -6.71
O5D NAD G . 0.01 23.53 -6.30
C5D NAD G . 0.55 23.93 -5.06
C4D NAD G . 1.04 22.70 -4.30
O4D NAD G . 0.11 21.63 -4.43
C3D NAD G . 2.37 22.21 -4.85
O3D NAD G . 3.20 21.85 -3.76
C2D NAD G . 2.02 20.98 -5.66
O2D NAD G . 3.07 20.02 -5.67
C1D NAD G . 0.76 20.48 -4.98
N1N NAD G . -0.11 19.80 -5.95
C2N NAD G . -0.48 20.46 -7.07
C3N NAD G . -1.30 19.84 -8.01
C7N NAD G . -1.69 20.57 -9.25
O7N NAD G . -2.20 19.84 -10.34
N7N NAD G . -1.56 21.90 -9.27
C4N NAD G . -1.75 18.54 -7.81
C5N NAD G . -1.37 17.87 -6.65
C6N NAD G . -0.55 18.52 -5.73
C1 6KA H . 3.24 20.10 -15.43
C2 6KA H . 4.35 20.39 -16.35
C3 6KA H . 4.90 19.27 -17.12
C4 6KA H . 4.34 17.99 -16.98
C5 6KA H . 3.29 17.77 -16.10
C6 6KA H . 2.74 18.79 -15.34
C9 6KA H . 4.93 21.78 -16.45
C11 6KA H . 7.46 21.28 -16.13
C12 6KA H . 8.26 21.45 -15.00
C13 6KA H . 7.44 21.96 -14.01
C16 6KA H . 6.79 22.47 -11.70
C18 6KA H . 4.85 22.64 -10.10
C21 6KA H . 3.46 22.65 -9.55
C22 6KA H . 3.62 23.11 -8.09
C25 6KA H . 2.45 19.27 -9.07
C26 6KA H . 1.47 19.55 -10.03
F8 6KA H . 5.91 19.49 -17.97
CL7 6KA H . 2.58 21.46 -14.47
N10 6KA H . 6.23 21.69 -15.78
N14 6KA H . 6.19 22.13 -14.46
N15 6KA H . 7.69 22.32 -12.72
N20 6KA H . 7.17 22.89 -10.46
N19 6KA H . 6.06 23.00 -9.56
S17 6KA H . 5.07 22.19 -11.77
N23 6KA H . 2.73 21.34 -9.67
C27 6KA H . 1.66 20.89 -10.38
N24 6KA H . 3.23 20.34 -8.84
C28 6KA H . 2.52 17.87 -8.50
PA NAD I . -20.75 -3.57 18.64
O1A NAD I . -20.84 -4.97 19.13
O2A NAD I . -21.06 -2.55 19.67
O5B NAD I . -21.73 -3.34 17.42
C5B NAD I . -21.73 -4.30 16.40
C4B NAD I . -23.15 -4.16 15.89
O4B NAD I . -23.38 -5.03 14.81
C3B NAD I . -24.15 -4.49 16.99
O3B NAD I . -24.89 -3.31 17.30
C2B NAD I . -25.02 -5.59 16.42
O2B NAD I . -26.41 -5.45 16.64
C1B NAD I . -24.73 -5.44 14.94
N9A NAD I . -24.96 -6.69 14.23
C8A NAD I . -24.27 -7.85 14.36
N7A NAD I . -24.81 -8.75 13.51
C5A NAD I . -25.82 -8.16 12.85
C6A NAD I . -26.68 -8.62 11.89
N6A NAD I . -26.65 -9.92 11.53
N1A NAD I . -27.63 -7.76 11.39
C2A NAD I . -27.72 -6.44 11.84
N3A NAD I . -26.84 -5.98 12.81
C4A NAD I . -25.92 -6.85 13.30
O3 NAD I . -19.39 -3.37 17.83
PN NAD I . -18.57 -1.99 17.77
O1N NAD I . -17.29 -2.14 18.48
O2N NAD I . -19.48 -0.85 18.00
O5D NAD I . -18.16 -1.99 16.23
C5D NAD I . -19.11 -1.79 15.22
C4D NAD I . -18.28 -1.75 13.95
O4D NAD I . -17.05 -1.10 14.18
C3D NAD I . -17.93 -3.15 13.46
O3D NAD I . -18.14 -3.14 12.06
C2D NAD I . -16.45 -3.33 13.74
O2D NAD I . -15.85 -4.06 12.70
C1D NAD I . -15.96 -1.89 13.72
N1N NAD I . -14.69 -1.69 14.47
C2N NAD I . -14.60 -2.06 15.78
C3N NAD I . -13.40 -1.87 16.46
C7N NAD I . -13.34 -2.02 17.96
O7N NAD I . -12.10 -2.14 18.60
N7N NAD I . -14.47 -2.02 18.67
C4N NAD I . -12.33 -1.30 15.77
C5N NAD I . -12.45 -0.92 14.43
C6N NAD I . -13.65 -1.13 13.80
C1 6KA J . -12.80 -9.22 20.63
C2 6KA J . -12.82 -10.70 20.79
C3 6KA J . -11.61 -11.45 20.39
C4 6KA J . -10.52 -10.77 19.90
C5 6KA J . -10.55 -9.39 19.79
C6 6KA J . -11.65 -8.63 20.13
C9 6KA J . -14.01 -11.44 21.31
C11 6KA J . -14.23 -13.32 19.57
C12 6KA J . -14.98 -13.39 18.41
C13 6KA J . -15.66 -12.19 18.29
C16 6KA J . -16.79 -10.49 17.01
C18 6KA J . -17.02 -8.01 16.80
C21 6KA J . -16.83 -6.56 17.16
C22 6KA J . -17.85 -5.64 16.46
C25 6KA J . -13.81 -5.66 15.56
C26 6KA J . -13.43 -5.31 16.86
F8 6KA J . -11.58 -12.77 20.51
CL7 6KA J . -14.19 -8.20 21.08
N10 6KA J . -14.49 -12.12 20.11
N14 6KA J . -15.39 -11.39 19.35
N15 6KA J . -16.53 -11.77 17.34
N20 6KA J . -17.64 -10.14 16.02
N19 6KA J . -17.79 -8.72 15.91
S17 6KA J . -16.15 -9.10 17.82
N23 6KA J . -15.44 -6.09 16.89
C27 6KA J . -14.50 -5.58 17.68
N24 6KA J . -15.06 -6.14 15.55
C28 6KA J . -12.77 -5.43 14.51
PA NAD K . -8.53 -22.30 -14.65
O1A NAD K . -9.92 -22.15 -15.13
O2A NAD K . -7.64 -22.86 -15.69
O5B NAD K . -8.45 -23.17 -13.31
C5B NAD K . -9.26 -22.91 -12.21
C4B NAD K . -9.16 -24.20 -11.42
O4B NAD K . -10.01 -24.15 -10.30
C3B NAD K . -9.59 -25.43 -12.23
O3B NAD K . -8.48 -26.24 -12.53
C2B NAD K . -10.51 -26.22 -11.32
O2B NAD K . -10.05 -27.55 -11.19
C1B NAD K . -10.32 -25.50 -10.01
N9A NAD K . -11.48 -25.66 -9.12
C8A NAD K . -12.70 -25.05 -9.21
N7A NAD K . -13.46 -25.52 -8.19
C5A NAD K . -12.74 -26.40 -7.48
C6A NAD K . -13.06 -27.12 -6.36
N6A NAD K . -14.34 -27.13 -5.98
N1A NAD K . -12.10 -27.97 -5.82
C2A NAD K . -10.85 -28.05 -6.41
N3A NAD K . -10.53 -27.32 -7.53
C4A NAD K . -11.48 -26.50 -8.05
O3 NAD K . -8.02 -20.92 -14.02
PN NAD K . -6.65 -20.18 -14.43
O1N NAD K . -7.05 -19.04 -15.29
O2N NAD K . -5.55 -21.11 -14.75
O5D NAD K . -6.25 -19.59 -13.00
C5D NAD K . -5.81 -20.46 -11.96
C4D NAD K . -5.74 -19.63 -10.68
O4D NAD K . -4.94 -18.46 -10.89
C3D NAD K . -7.12 -19.16 -10.21
O3D NAD K . -7.29 -19.34 -8.82
C2D NAD K . -7.15 -17.67 -10.55
O2D NAD K . -7.86 -16.94 -9.59
C1D NAD K . -5.68 -17.28 -10.57
N1N NAD K . -5.42 -16.23 -11.57
C2N NAD K . -5.65 -16.49 -12.89
C3N NAD K . -5.43 -15.53 -13.87
C7N NAD K . -6.22 -15.61 -15.14
O7N NAD K . -6.29 -14.48 -15.98
N7N NAD K . -6.86 -16.75 -15.44
C4N NAD K . -4.94 -14.29 -13.48
C5N NAD K . -4.70 -14.03 -12.12
C6N NAD K . -4.94 -15.02 -11.17
C1 6KA L . -13.39 -13.56 -16.79
C2 6KA L . -14.88 -13.68 -16.78
C3 6KA L . -15.64 -12.47 -16.42
C4 6KA L . -14.97 -11.29 -16.13
C5 6KA L . -13.57 -11.23 -16.15
C6 6KA L . -12.81 -12.34 -16.49
C9 6KA L . -15.61 -14.98 -17.07
C11 6KA L . -17.40 -14.98 -15.17
C12 6KA L . -17.50 -15.74 -14.03
C13 6KA L . -16.39 -16.60 -14.05
C16 6KA L . -14.68 -17.77 -12.90
C18 6KA L . -12.23 -18.07 -12.81
C21 6KA L . -10.84 -18.12 -13.31
C22 6KA L . -10.07 -19.12 -12.44
C25 6KA L . -9.53 -14.96 -12.38
C26 6KA L . -9.26 -14.85 -13.74
F8 6KA L . -16.99 -12.50 -16.39
CL7 6KA L . -12.34 -14.95 -17.19
N10 6KA L . -16.29 -15.37 -15.83
N14 6KA L . -15.64 -16.40 -15.17
N15 6KA L . -15.98 -17.57 -13.22
N20 6KA L . -14.29 -18.17 -11.66
N19 6KA L . -12.87 -18.35 -11.62
S17 6KA L . -13.39 -17.61 -14.00
N23 6KA L . -10.22 -16.78 -13.35
C27 6KA L . -9.69 -16.02 -14.34
N24 6KA L . -10.12 -16.14 -12.11
C28 6KA L . -9.14 -13.79 -11.51
#